data_2RV1
#
_entry.id   2RV1
#
loop_
_entity.id
_entity.type
_entity.pdbx_description
1 polymer 'Zinc finger protein ZFAT'
2 non-polymer 'ZINC ION'
#
_entity_poly.entity_id   1
_entity_poly.type   'polypeptide(L)'
_entity_poly.pdbx_seq_one_letter_code
;GSSGSSGRAMKCPYCDFYFMKNGSDLQRHIWAHEGVK
;
_entity_poly.pdbx_strand_id   A
#
loop_
_chem_comp.id
_chem_comp.type
_chem_comp.name
_chem_comp.formula
ZN non-polymer 'ZINC ION' 'Zn 2'
#
# COMPACT_ATOMS: atom_id res chain seq x y z
N GLY A 1 -8.01 -9.47 -11.60
CA GLY A 1 -6.90 -10.30 -11.10
C GLY A 1 -7.16 -10.79 -9.68
N SER A 2 -6.22 -11.57 -9.12
CA SER A 2 -6.36 -12.18 -7.77
C SER A 2 -6.41 -11.16 -6.62
N SER A 3 -5.91 -9.94 -6.83
CA SER A 3 -5.99 -8.81 -5.89
C SER A 3 -7.33 -8.04 -5.92
N GLY A 4 -8.15 -8.26 -6.96
CA GLY A 4 -9.45 -7.61 -7.15
C GLY A 4 -9.94 -7.68 -8.60
N SER A 5 -11.26 -7.79 -8.80
CA SER A 5 -11.88 -8.03 -10.12
C SER A 5 -11.61 -6.95 -11.16
N SER A 6 -11.42 -5.70 -10.73
CA SER A 6 -11.12 -4.53 -11.57
C SER A 6 -9.66 -4.02 -11.44
N GLY A 7 -8.83 -4.65 -10.58
CA GLY A 7 -7.46 -4.23 -10.29
C GLY A 7 -7.38 -2.81 -9.68
N ARG A 8 -6.43 -2.00 -10.17
CA ARG A 8 -6.26 -0.56 -9.85
C ARG A 8 -6.21 -0.24 -8.35
N ALA A 9 -5.48 -1.04 -7.59
CA ALA A 9 -5.18 -0.79 -6.18
C ALA A 9 -4.24 0.41 -5.97
N MET A 10 -4.13 0.90 -4.73
CA MET A 10 -3.15 1.91 -4.33
C MET A 10 -1.76 1.28 -4.18
N LYS A 11 -0.67 2.05 -4.37
CA LYS A 11 0.71 1.58 -4.17
C LYS A 11 1.44 2.36 -3.06
N CYS A 12 2.20 1.63 -2.23
CA CYS A 12 2.85 2.12 -1.02
C CYS A 12 3.80 3.31 -1.29
N PRO A 13 3.82 4.34 -0.41
CA PRO A 13 4.71 5.48 -0.57
C PRO A 13 6.19 5.18 -0.30
N TYR A 14 6.55 3.95 0.11
CA TYR A 14 7.92 3.53 0.44
C TYR A 14 8.41 2.28 -0.32
N CYS A 15 7.51 1.36 -0.72
CA CYS A 15 7.88 0.08 -1.36
C CYS A 15 6.97 -0.34 -2.53
N ASP A 16 7.15 -1.56 -3.02
CA ASP A 16 6.46 -2.13 -4.19
C ASP A 16 5.06 -2.69 -3.88
N PHE A 17 4.62 -2.70 -2.62
CA PHE A 17 3.39 -3.36 -2.16
C PHE A 17 2.10 -2.54 -2.39
N TYR A 18 0.95 -3.23 -2.49
CA TYR A 18 -0.37 -2.65 -2.79
C TYR A 18 -1.42 -2.90 -1.69
N PHE A 19 -2.38 -1.97 -1.53
CA PHE A 19 -3.58 -2.11 -0.68
C PHE A 19 -4.84 -1.49 -1.33
N MET A 20 -6.01 -1.79 -0.76
CA MET A 20 -7.26 -1.09 -1.11
C MET A 20 -7.17 0.39 -0.67
N LYS A 21 -7.71 1.31 -1.48
CA LYS A 21 -7.53 2.77 -1.35
C LYS A 21 -7.94 3.40 -0.01
N ASN A 22 -8.78 2.73 0.78
CA ASN A 22 -9.28 3.15 2.10
C ASN A 22 -9.01 2.10 3.21
N GLY A 23 -8.11 1.13 2.97
CA GLY A 23 -7.78 0.08 3.94
C GLY A 23 -6.98 0.60 5.14
N SER A 24 -7.35 0.18 6.36
CA SER A 24 -6.69 0.60 7.61
C SER A 24 -5.30 -0.01 7.79
N ASP A 25 -5.08 -1.22 7.26
CA ASP A 25 -3.79 -1.94 7.34
C ASP A 25 -2.65 -1.20 6.61
N LEU A 26 -2.96 -0.35 5.63
CA LEU A 26 -1.99 0.53 4.96
C LEU A 26 -1.33 1.50 5.95
N GLN A 27 -2.07 2.03 6.92
CA GLN A 27 -1.53 2.97 7.90
C GLN A 27 -0.45 2.30 8.76
N ARG A 28 -0.70 1.06 9.22
CA ARG A 28 0.28 0.23 9.94
C ARG A 28 1.48 -0.15 9.06
N HIS A 29 1.24 -0.50 7.79
CA HIS A 29 2.31 -0.80 6.82
C HIS A 29 3.23 0.40 6.56
N ILE A 30 2.68 1.62 6.51
CA ILE A 30 3.47 2.86 6.36
C ILE A 30 4.21 3.20 7.65
N TRP A 31 3.53 3.18 8.79
CA TRP A 31 4.16 3.38 10.11
C TRP A 31 5.30 2.38 10.38
N ALA A 32 5.27 1.20 9.76
CA ALA A 32 6.36 0.21 9.81
C ALA A 32 7.60 0.66 9.01
N HIS A 33 7.44 1.28 7.84
CA HIS A 33 8.53 1.91 7.09
C HIS A 33 9.11 3.14 7.82
N GLU A 34 8.27 3.89 8.53
CA GLU A 34 8.67 4.97 9.46
C GLU A 34 9.31 4.47 10.77
N GLY A 35 9.41 3.15 10.97
CA GLY A 35 10.11 2.52 12.11
C GLY A 35 9.33 2.50 13.44
N VAL A 36 8.01 2.73 13.40
CA VAL A 36 7.14 2.67 14.59
C VAL A 36 6.97 1.21 15.05
N LYS A 37 7.06 0.97 16.37
CA LYS A 37 6.97 -0.35 16.99
C LYS A 37 5.57 -0.97 16.89
ZN ZN B . 5.43 -0.49 1.84
N GLY A 1 2.28 6.88 -15.85
CA GLY A 1 1.51 5.67 -15.52
C GLY A 1 1.75 4.55 -16.54
N SER A 2 1.70 3.30 -16.08
CA SER A 2 1.97 2.09 -16.88
C SER A 2 0.94 0.98 -16.62
N SER A 3 0.69 0.13 -17.62
CA SER A 3 -0.28 -0.98 -17.54
C SER A 3 0.19 -2.11 -16.62
N GLY A 4 -0.75 -2.75 -15.91
CA GLY A 4 -0.49 -3.88 -15.01
C GLY A 4 -1.63 -4.15 -14.01
N SER A 5 -1.37 -5.01 -13.02
CA SER A 5 -2.32 -5.40 -11.97
C SER A 5 -2.64 -4.29 -10.94
N SER A 6 -1.99 -3.13 -11.07
CA SER A 6 -2.19 -1.93 -10.24
C SER A 6 -3.48 -1.14 -10.56
N GLY A 7 -4.23 -1.53 -11.60
CA GLY A 7 -5.47 -0.87 -12.01
C GLY A 7 -6.51 -0.77 -10.87
N ARG A 8 -6.96 0.46 -10.59
CA ARG A 8 -7.87 0.85 -9.48
C ARG A 8 -7.40 0.45 -8.06
N ALA A 9 -6.11 0.16 -7.88
CA ALA A 9 -5.45 -0.01 -6.58
C ALA A 9 -4.62 1.23 -6.19
N MET A 10 -4.05 1.18 -4.99
CA MET A 10 -3.05 2.14 -4.50
C MET A 10 -1.67 1.47 -4.38
N LYS A 11 -0.58 2.24 -4.50
CA LYS A 11 0.81 1.78 -4.30
C LYS A 11 1.45 2.47 -3.10
N CYS A 12 2.19 1.70 -2.29
CA CYS A 12 2.83 2.15 -1.06
C CYS A 12 3.81 3.32 -1.28
N PRO A 13 3.82 4.34 -0.41
CA PRO A 13 4.74 5.47 -0.52
C PRO A 13 6.21 5.12 -0.18
N TYR A 14 6.50 3.89 0.24
CA TYR A 14 7.86 3.45 0.63
C TYR A 14 8.35 2.17 -0.08
N CYS A 15 7.45 1.26 -0.50
CA CYS A 15 7.81 -0.01 -1.16
C CYS A 15 6.98 -0.33 -2.42
N ASP A 16 7.27 -1.46 -3.06
CA ASP A 16 6.70 -1.86 -4.35
C ASP A 16 5.29 -2.49 -4.25
N PHE A 17 4.77 -2.70 -3.03
CA PHE A 17 3.51 -3.40 -2.78
C PHE A 17 2.25 -2.52 -2.92
N TYR A 18 1.11 -3.19 -3.13
CA TYR A 18 -0.20 -2.57 -3.41
C TYR A 18 -1.27 -2.94 -2.36
N PHE A 19 -2.26 -2.06 -2.19
CA PHE A 19 -3.48 -2.31 -1.42
C PHE A 19 -4.71 -1.94 -2.27
N MET A 20 -5.81 -2.70 -2.12
CA MET A 20 -7.10 -2.45 -2.80
C MET A 20 -7.99 -1.44 -2.07
N LYS A 21 -7.65 -1.07 -0.83
CA LYS A 21 -8.33 -0.09 0.03
C LYS A 21 -7.31 0.85 0.71
N ASN A 22 -7.80 1.98 1.22
CA ASN A 22 -7.01 3.02 1.92
C ASN A 22 -7.24 3.03 3.45
N GLY A 23 -7.75 1.92 4.02
CA GLY A 23 -8.06 1.78 5.45
C GLY A 23 -6.84 1.68 6.37
N SER A 24 -7.10 1.49 7.67
CA SER A 24 -6.09 1.53 8.75
C SER A 24 -4.95 0.51 8.59
N ASP A 25 -5.16 -0.61 7.90
CA ASP A 25 -4.12 -1.60 7.61
C ASP A 25 -2.98 -1.01 6.75
N LEU A 26 -3.30 -0.13 5.80
CA LEU A 26 -2.30 0.62 5.03
C LEU A 26 -1.58 1.64 5.91
N GLN A 27 -2.29 2.32 6.81
CA GLN A 27 -1.69 3.28 7.74
C GLN A 27 -0.66 2.59 8.66
N ARG A 28 -0.96 1.38 9.16
CA ARG A 28 0.00 0.57 9.94
C ARG A 28 1.17 0.09 9.10
N HIS A 29 0.92 -0.35 7.86
CA HIS A 29 1.97 -0.73 6.90
C HIS A 29 2.94 0.43 6.59
N ILE A 30 2.44 1.66 6.50
CA ILE A 30 3.25 2.86 6.30
C ILE A 30 4.03 3.24 7.56
N TRP A 31 3.35 3.31 8.71
CA TRP A 31 3.98 3.50 10.03
C TRP A 31 5.14 2.51 10.28
N ALA A 32 5.04 1.30 9.74
CA ALA A 32 6.07 0.27 9.86
C ALA A 32 7.35 0.60 9.06
N HIS A 33 7.24 1.25 7.90
CA HIS A 33 8.38 1.77 7.14
C HIS A 33 9.06 2.96 7.85
N GLU A 34 8.29 3.74 8.63
CA GLU A 34 8.81 4.77 9.55
C GLU A 34 9.38 4.18 10.86
N GLY A 35 9.39 2.84 11.02
CA GLY A 35 9.94 2.11 12.17
C GLY A 35 9.00 2.02 13.39
N VAL A 36 7.77 2.52 13.29
CA VAL A 36 6.76 2.51 14.36
C VAL A 36 6.07 1.13 14.44
N LYS A 37 5.80 0.66 15.66
CA LYS A 37 5.30 -0.69 15.95
C LYS A 37 3.77 -0.76 15.90
ZN ZN B . 5.16 -0.55 1.93
N GLY A 1 0.11 -7.38 -8.49
CA GLY A 1 -0.65 -6.50 -9.40
C GLY A 1 -0.41 -6.87 -10.85
N SER A 2 -1.48 -6.96 -11.65
CA SER A 2 -1.42 -7.37 -13.07
C SER A 2 -0.98 -6.23 -14.02
N SER A 3 -0.22 -6.61 -15.06
CA SER A 3 0.43 -5.73 -16.03
C SER A 3 -0.56 -4.95 -16.93
N GLY A 4 -0.06 -3.96 -17.67
CA GLY A 4 -0.84 -3.18 -18.64
C GLY A 4 -1.93 -2.30 -18.01
N SER A 5 -1.73 -1.89 -16.75
CA SER A 5 -2.70 -1.16 -15.92
C SER A 5 -4.04 -1.89 -15.69
N SER A 6 -4.05 -3.22 -15.75
CA SER A 6 -5.19 -4.05 -15.33
C SER A 6 -5.36 -4.04 -13.80
N GLY A 7 -4.25 -4.00 -13.05
CA GLY A 7 -4.24 -3.75 -11.60
C GLY A 7 -4.29 -2.24 -11.33
N ARG A 8 -5.27 -1.79 -10.52
CA ARG A 8 -5.58 -0.36 -10.29
C ARG A 8 -5.65 0.04 -8.81
N ALA A 9 -5.06 -0.77 -7.92
CA ALA A 9 -4.84 -0.43 -6.51
C ALA A 9 -3.80 0.69 -6.32
N MET A 10 -3.72 1.25 -5.12
CA MET A 10 -2.67 2.20 -4.74
C MET A 10 -1.33 1.48 -4.53
N LYS A 11 -0.19 2.18 -4.69
CA LYS A 11 1.16 1.65 -4.46
C LYS A 11 1.88 2.40 -3.34
N CYS A 12 2.55 1.66 -2.45
CA CYS A 12 3.16 2.13 -1.21
C CYS A 12 4.19 3.27 -1.42
N PRO A 13 4.23 4.29 -0.54
CA PRO A 13 5.18 5.40 -0.64
C PRO A 13 6.63 5.01 -0.27
N TYR A 14 6.89 3.77 0.16
CA TYR A 14 8.22 3.28 0.55
C TYR A 14 8.67 2.00 -0.18
N CYS A 15 7.75 1.13 -0.62
CA CYS A 15 8.05 -0.14 -1.29
C CYS A 15 7.14 -0.44 -2.50
N ASP A 16 7.27 -1.64 -3.06
CA ASP A 16 6.55 -2.11 -4.25
C ASP A 16 5.14 -2.66 -3.98
N PHE A 17 4.70 -2.74 -2.71
CA PHE A 17 3.44 -3.37 -2.31
C PHE A 17 2.19 -2.50 -2.56
N TYR A 18 1.02 -3.14 -2.75
CA TYR A 18 -0.26 -2.50 -3.07
C TYR A 18 -1.34 -2.67 -1.98
N PHE A 19 -2.25 -1.68 -1.85
CA PHE A 19 -3.46 -1.77 -1.02
C PHE A 19 -4.70 -1.15 -1.71
N MET A 20 -5.88 -1.58 -1.26
CA MET A 20 -7.19 -1.01 -1.64
C MET A 20 -7.74 -0.04 -0.56
N LYS A 21 -8.95 0.50 -0.78
CA LYS A 21 -9.55 1.62 -0.02
C LYS A 21 -9.93 1.38 1.46
N ASN A 22 -9.52 0.27 2.08
CA ASN A 22 -9.69 0.03 3.52
C ASN A 22 -8.87 1.04 4.38
N GLY A 23 -7.66 1.39 3.93
CA GLY A 23 -6.84 2.49 4.46
C GLY A 23 -6.13 2.24 5.80
N SER A 24 -6.78 1.63 6.79
CA SER A 24 -6.20 1.40 8.13
C SER A 24 -5.04 0.40 8.12
N ASP A 25 -5.09 -0.58 7.22
CA ASP A 25 -4.02 -1.53 6.93
C ASP A 25 -2.83 -0.89 6.21
N LEU A 26 -3.09 0.00 5.24
CA LEU A 26 -2.07 0.82 4.59
C LEU A 26 -1.38 1.76 5.57
N GLN A 27 -2.13 2.43 6.45
CA GLN A 27 -1.58 3.30 7.50
C GLN A 27 -0.61 2.53 8.40
N ARG A 28 -0.98 1.33 8.86
CA ARG A 28 -0.09 0.45 9.64
C ARG A 28 1.15 0.00 8.85
N HIS A 29 0.98 -0.36 7.57
CA HIS A 29 2.08 -0.73 6.68
C HIS A 29 3.08 0.42 6.45
N ILE A 30 2.60 1.66 6.36
CA ILE A 30 3.44 2.86 6.21
C ILE A 30 4.14 3.21 7.53
N TRP A 31 3.40 3.25 8.64
CA TRP A 31 3.95 3.45 9.98
C TRP A 31 5.06 2.43 10.31
N ALA A 32 4.98 1.22 9.75
CA ALA A 32 6.01 0.19 9.88
C ALA A 32 7.30 0.54 9.11
N HIS A 33 7.22 1.14 7.92
CA HIS A 33 8.38 1.68 7.21
C HIS A 33 9.00 2.88 7.94
N GLU A 34 8.20 3.69 8.63
CA GLU A 34 8.65 4.75 9.56
C GLU A 34 9.19 4.21 10.91
N GLY A 35 9.21 2.88 11.10
CA GLY A 35 9.81 2.21 12.27
C GLY A 35 8.92 2.19 13.53
N VAL A 36 7.64 2.54 13.41
CA VAL A 36 6.65 2.53 14.51
C VAL A 36 6.17 1.08 14.76
N LYS A 37 6.05 0.69 16.04
CA LYS A 37 5.62 -0.64 16.50
C LYS A 37 4.46 -0.55 17.48
ZN ZN B . 5.44 -0.60 1.82
N GLY A 1 -1.44 -13.51 -4.71
CA GLY A 1 -1.58 -12.06 -4.99
C GLY A 1 -2.97 -11.72 -5.50
N SER A 2 -3.06 -10.66 -6.30
CA SER A 2 -4.31 -10.21 -6.96
C SER A 2 -4.74 -11.11 -8.13
N SER A 3 -6.03 -11.08 -8.47
CA SER A 3 -6.64 -11.88 -9.56
C SER A 3 -7.88 -11.19 -10.15
N GLY A 4 -8.30 -11.61 -11.35
CA GLY A 4 -9.47 -11.10 -12.07
C GLY A 4 -9.27 -9.74 -12.77
N SER A 5 -10.31 -9.30 -13.47
CA SER A 5 -10.32 -8.04 -14.25
C SER A 5 -10.27 -6.78 -13.37
N SER A 6 -9.72 -5.69 -13.91
CA SER A 6 -9.63 -4.37 -13.26
C SER A 6 -8.97 -4.38 -11.87
N GLY A 7 -7.98 -5.25 -11.66
CA GLY A 7 -7.30 -5.50 -10.38
C GLY A 7 -6.31 -4.42 -9.90
N ARG A 8 -6.30 -3.23 -10.52
CA ARG A 8 -5.43 -2.09 -10.15
C ARG A 8 -5.75 -1.52 -8.77
N ALA A 9 -4.74 -1.01 -8.09
CA ALA A 9 -4.75 -0.62 -6.68
C ALA A 9 -3.80 0.56 -6.37
N MET A 10 -3.82 1.09 -5.14
CA MET A 10 -2.86 2.12 -4.69
C MET A 10 -1.48 1.49 -4.43
N LYS A 11 -0.38 2.24 -4.64
CA LYS A 11 1.02 1.80 -4.39
C LYS A 11 1.62 2.44 -3.14
N CYS A 12 2.34 1.64 -2.33
CA CYS A 12 3.06 2.08 -1.14
C CYS A 12 4.07 3.21 -1.42
N PRO A 13 4.11 4.27 -0.59
CA PRO A 13 5.03 5.39 -0.77
C PRO A 13 6.48 5.08 -0.32
N TYR A 14 6.76 3.88 0.23
CA TYR A 14 8.09 3.48 0.73
C TYR A 14 8.66 2.22 0.06
N CYS A 15 7.81 1.29 -0.39
CA CYS A 15 8.22 0.06 -1.11
C CYS A 15 7.51 -0.09 -2.46
N ASP A 16 6.98 -1.28 -2.74
CA ASP A 16 6.34 -1.69 -3.99
C ASP A 16 5.07 -2.54 -3.79
N PHE A 17 4.56 -2.63 -2.55
CA PHE A 17 3.32 -3.36 -2.23
C PHE A 17 2.06 -2.54 -2.52
N TYR A 18 0.96 -3.21 -2.88
CA TYR A 18 -0.32 -2.59 -3.25
C TYR A 18 -1.47 -2.84 -2.24
N PHE A 19 -2.36 -1.85 -2.11
CA PHE A 19 -3.54 -1.91 -1.22
C PHE A 19 -4.80 -1.32 -1.88
N MET A 20 -5.97 -1.81 -1.45
CA MET A 20 -7.30 -1.27 -1.79
C MET A 20 -7.69 -0.11 -0.85
N LYS A 21 -8.94 0.37 -0.96
CA LYS A 21 -9.49 1.54 -0.22
C LYS A 21 -9.61 1.36 1.31
N ASN A 22 -9.28 0.19 1.85
CA ASN A 22 -9.23 -0.10 3.30
C ASN A 22 -7.96 0.50 3.93
N GLY A 23 -7.86 1.84 3.94
CA GLY A 23 -6.67 2.60 4.31
C GLY A 23 -6.18 2.42 5.76
N SER A 24 -7.02 1.93 6.67
CA SER A 24 -6.67 1.68 8.08
C SER A 24 -5.50 0.71 8.25
N ASP A 25 -5.35 -0.29 7.36
CA ASP A 25 -4.22 -1.23 7.37
C ASP A 25 -3.00 -0.74 6.57
N LEU A 26 -3.23 0.10 5.55
CA LEU A 26 -2.16 0.80 4.83
C LEU A 26 -1.42 1.77 5.76
N GLN A 27 -2.12 2.45 6.68
CA GLN A 27 -1.48 3.28 7.71
C GLN A 27 -0.49 2.45 8.55
N ARG A 28 -0.85 1.22 8.97
CA ARG A 28 0.06 0.31 9.69
C ARG A 28 1.27 -0.10 8.84
N HIS A 29 1.05 -0.43 7.57
CA HIS A 29 2.11 -0.78 6.62
C HIS A 29 3.11 0.38 6.40
N ILE A 30 2.63 1.62 6.35
CA ILE A 30 3.49 2.82 6.21
C ILE A 30 4.22 3.14 7.51
N TRP A 31 3.49 3.19 8.63
CA TRP A 31 4.08 3.37 9.97
C TRP A 31 5.21 2.35 10.27
N ALA A 32 5.12 1.15 9.71
CA ALA A 32 6.15 0.12 9.81
C ALA A 32 7.44 0.47 9.04
N HIS A 33 7.33 1.10 7.86
CA HIS A 33 8.49 1.64 7.13
C HIS A 33 9.13 2.84 7.87
N GLU A 34 8.32 3.64 8.59
CA GLU A 34 8.79 4.68 9.51
C GLU A 34 9.36 4.12 10.85
N GLY A 35 9.38 2.79 11.03
CA GLY A 35 9.97 2.10 12.19
C GLY A 35 9.11 2.09 13.45
N VAL A 36 7.82 2.45 13.35
CA VAL A 36 6.87 2.48 14.48
C VAL A 36 6.36 1.07 14.79
N LYS A 37 6.28 0.73 16.09
CA LYS A 37 5.77 -0.55 16.63
C LYS A 37 5.01 -0.35 17.95
ZN ZN B . 5.47 -0.62 1.79
N GLY A 1 -4.25 -13.41 -20.47
CA GLY A 1 -3.89 -13.46 -19.04
C GLY A 1 -5.00 -12.92 -18.15
N SER A 2 -5.06 -13.38 -16.90
CA SER A 2 -6.11 -13.00 -15.92
C SER A 2 -5.77 -11.76 -15.07
N SER A 3 -4.53 -11.27 -15.12
CA SER A 3 -4.05 -10.10 -14.36
C SER A 3 -4.71 -8.79 -14.79
N GLY A 4 -4.84 -7.83 -13.86
CA GLY A 4 -5.38 -6.49 -14.13
C GLY A 4 -4.46 -5.64 -15.01
N SER A 5 -5.05 -4.81 -15.87
CA SER A 5 -4.36 -3.95 -16.85
C SER A 5 -4.45 -2.44 -16.55
N SER A 6 -4.90 -2.07 -15.35
CA SER A 6 -5.10 -0.68 -14.90
C SER A 6 -4.83 -0.51 -13.39
N GLY A 7 -4.77 0.74 -12.93
CA GLY A 7 -4.48 1.12 -11.53
C GLY A 7 -5.64 0.86 -10.56
N ARG A 8 -5.96 -0.41 -10.30
CA ARG A 8 -7.11 -0.88 -9.51
C ARG A 8 -6.89 -0.84 -7.99
N ALA A 9 -5.65 -0.60 -7.56
CA ALA A 9 -5.24 -0.41 -6.16
C ALA A 9 -4.21 0.73 -6.02
N MET A 10 -3.97 1.18 -4.79
CA MET A 10 -2.91 2.15 -4.45
C MET A 10 -1.56 1.44 -4.30
N LYS A 11 -0.44 2.17 -4.47
CA LYS A 11 0.93 1.66 -4.27
C LYS A 11 1.66 2.39 -3.12
N CYS A 12 2.40 1.62 -2.31
CA CYS A 12 3.06 2.08 -1.07
C CYS A 12 4.05 3.24 -1.34
N PRO A 13 4.09 4.27 -0.46
CA PRO A 13 5.02 5.38 -0.58
C PRO A 13 6.49 5.00 -0.29
N TYR A 14 6.78 3.76 0.13
CA TYR A 14 8.14 3.29 0.47
C TYR A 14 8.58 2.01 -0.26
N CYS A 15 7.66 1.12 -0.66
CA CYS A 15 7.98 -0.17 -1.30
C CYS A 15 7.07 -0.52 -2.50
N ASP A 16 7.23 -1.74 -3.02
CA ASP A 16 6.55 -2.25 -4.22
C ASP A 16 5.12 -2.77 -3.97
N PHE A 17 4.65 -2.80 -2.71
CA PHE A 17 3.38 -3.43 -2.32
C PHE A 17 2.13 -2.55 -2.54
N TYR A 18 0.96 -3.20 -2.70
CA TYR A 18 -0.34 -2.56 -2.99
C TYR A 18 -1.40 -2.79 -1.91
N PHE A 19 -2.31 -1.83 -1.73
CA PHE A 19 -3.51 -1.95 -0.86
C PHE A 19 -4.76 -1.32 -1.50
N MET A 20 -5.94 -1.72 -1.03
CA MET A 20 -7.23 -1.13 -1.42
C MET A 20 -7.50 0.21 -0.70
N LYS A 21 -8.42 1.01 -1.25
CA LYS A 21 -8.70 2.41 -0.84
C LYS A 21 -9.20 2.60 0.61
N ASN A 22 -9.60 1.54 1.30
CA ASN A 22 -10.01 1.56 2.71
C ASN A 22 -8.86 1.98 3.65
N GLY A 23 -7.61 1.58 3.33
CA GLY A 23 -6.38 2.05 3.99
C GLY A 23 -6.12 1.57 5.43
N SER A 24 -6.99 0.76 6.04
CA SER A 24 -6.95 0.42 7.47
C SER A 24 -5.65 -0.30 7.90
N ASP A 25 -5.14 -1.21 7.07
CA ASP A 25 -3.85 -1.89 7.31
C ASP A 25 -2.67 -1.20 6.60
N LEU A 26 -2.93 -0.37 5.57
CA LEU A 26 -1.93 0.46 4.91
C LEU A 26 -1.30 1.48 5.88
N GLN A 27 -2.10 2.08 6.77
CA GLN A 27 -1.59 2.98 7.81
C GLN A 27 -0.52 2.30 8.66
N ARG A 28 -0.77 1.05 9.08
CA ARG A 28 0.17 0.22 9.87
C ARG A 28 1.41 -0.16 9.06
N HIS A 29 1.22 -0.55 7.80
CA HIS A 29 2.29 -0.87 6.84
C HIS A 29 3.23 0.33 6.59
N ILE A 30 2.69 1.55 6.52
CA ILE A 30 3.48 2.79 6.36
C ILE A 30 4.19 3.17 7.66
N TRP A 31 3.46 3.19 8.78
CA TRP A 31 4.04 3.42 10.10
C TRP A 31 5.21 2.45 10.41
N ALA A 32 5.19 1.24 9.84
CA ALA A 32 6.28 0.28 9.94
C ALA A 32 7.52 0.69 9.12
N HIS A 33 7.35 1.24 7.91
CA HIS A 33 8.45 1.83 7.13
C HIS A 33 9.03 3.08 7.82
N GLU A 34 8.19 3.87 8.50
CA GLU A 34 8.61 5.01 9.34
C GLU A 34 9.27 4.59 10.68
N GLY A 35 9.29 3.29 11.01
CA GLY A 35 9.94 2.75 12.22
C GLY A 35 9.17 3.00 13.53
N VAL A 36 7.86 3.22 13.46
CA VAL A 36 6.99 3.48 14.63
C VAL A 36 6.86 2.22 15.50
N LYS A 37 6.92 2.41 16.83
CA LYS A 37 6.81 1.36 17.87
C LYS A 37 5.83 1.76 18.99
ZN ZN B . 5.45 -0.66 1.85
N GLY A 1 1.11 -0.72 -22.01
CA GLY A 1 -0.24 -1.29 -21.76
C GLY A 1 -0.30 -2.02 -20.42
N SER A 2 -1.51 -2.30 -19.95
CA SER A 2 -1.78 -3.05 -18.71
C SER A 2 -1.53 -4.56 -18.86
N SER A 3 -1.30 -5.26 -17.74
CA SER A 3 -1.10 -6.71 -17.66
C SER A 3 -1.61 -7.28 -16.33
N GLY A 4 -2.01 -8.56 -16.33
CA GLY A 4 -2.54 -9.30 -15.17
C GLY A 4 -3.98 -8.94 -14.78
N SER A 5 -4.34 -7.65 -14.81
CA SER A 5 -5.68 -7.11 -14.55
C SER A 5 -5.92 -5.78 -15.28
N SER A 6 -7.18 -5.50 -15.62
CA SER A 6 -7.64 -4.20 -16.13
C SER A 6 -8.01 -3.21 -15.01
N GLY A 7 -8.07 -3.67 -13.75
CA GLY A 7 -8.35 -2.85 -12.56
C GLY A 7 -7.15 -2.00 -12.09
N ARG A 8 -7.38 -1.22 -11.03
CA ARG A 8 -6.39 -0.32 -10.39
C ARG A 8 -6.35 -0.50 -8.87
N ALA A 9 -5.22 -0.13 -8.26
CA ALA A 9 -4.98 -0.13 -6.81
C ALA A 9 -4.05 1.03 -6.41
N MET A 10 -3.94 1.29 -5.10
CA MET A 10 -2.94 2.20 -4.54
C MET A 10 -1.59 1.50 -4.41
N LYS A 11 -0.47 2.23 -4.54
CA LYS A 11 0.90 1.73 -4.30
C LYS A 11 1.56 2.40 -3.10
N CYS A 12 2.29 1.63 -2.29
CA CYS A 12 2.92 2.08 -1.05
C CYS A 12 3.89 3.25 -1.27
N PRO A 13 3.88 4.28 -0.40
CA PRO A 13 4.77 5.42 -0.50
C PRO A 13 6.25 5.09 -0.19
N TYR A 14 6.58 3.85 0.22
CA TYR A 14 7.94 3.41 0.58
C TYR A 14 8.42 2.15 -0.15
N CYS A 15 7.52 1.24 -0.56
CA CYS A 15 7.88 -0.04 -1.20
C CYS A 15 7.00 -0.42 -2.41
N ASP A 16 7.17 -1.65 -2.90
CA ASP A 16 6.54 -2.15 -4.13
C ASP A 16 5.11 -2.71 -3.93
N PHE A 17 4.63 -2.82 -2.68
CA PHE A 17 3.33 -3.43 -2.35
C PHE A 17 2.11 -2.54 -2.70
N TYR A 18 0.98 -3.21 -2.96
CA TYR A 18 -0.31 -2.59 -3.32
C TYR A 18 -1.42 -2.88 -2.29
N PHE A 19 -2.36 -1.96 -2.15
CA PHE A 19 -3.62 -2.13 -1.41
C PHE A 19 -4.82 -1.62 -2.23
N MET A 20 -5.98 -2.28 -2.10
CA MET A 20 -7.25 -1.80 -2.65
C MET A 20 -8.03 -1.05 -1.56
N LYS A 21 -8.51 0.16 -1.91
CA LYS A 21 -9.11 1.15 -1.01
C LYS A 21 -8.19 1.60 0.15
N ASN A 22 -8.60 2.62 0.89
CA ASN A 22 -7.95 3.08 2.12
C ASN A 22 -8.36 2.21 3.33
N GLY A 23 -7.51 2.16 4.36
CA GLY A 23 -7.77 1.43 5.61
C GLY A 23 -6.61 1.44 6.60
N SER A 24 -6.90 1.09 7.86
CA SER A 24 -5.93 1.15 8.97
C SER A 24 -4.74 0.18 8.80
N ASP A 25 -4.90 -0.91 8.05
CA ASP A 25 -3.81 -1.85 7.77
C ASP A 25 -2.76 -1.28 6.80
N LEU A 26 -3.16 -0.37 5.89
CA LEU A 26 -2.20 0.41 5.10
C LEU A 26 -1.49 1.45 5.96
N GLN A 27 -2.19 2.11 6.88
CA GLN A 27 -1.57 3.04 7.83
C GLN A 27 -0.52 2.32 8.69
N ARG A 28 -0.84 1.12 9.20
CA ARG A 28 0.10 0.22 9.90
C ARG A 28 1.31 -0.17 9.04
N HIS A 29 1.08 -0.56 7.78
CA HIS A 29 2.13 -0.89 6.81
C HIS A 29 3.08 0.30 6.55
N ILE A 30 2.55 1.53 6.49
CA ILE A 30 3.34 2.75 6.31
C ILE A 30 4.10 3.15 7.58
N TRP A 31 3.42 3.18 8.72
CA TRP A 31 4.03 3.41 10.04
C TRP A 31 5.19 2.44 10.33
N ALA A 32 5.15 1.23 9.77
CA ALA A 32 6.23 0.25 9.86
C ALA A 32 7.48 0.65 9.07
N HIS A 33 7.32 1.26 7.87
CA HIS A 33 8.44 1.85 7.11
C HIS A 33 9.01 3.10 7.81
N GLU A 34 8.18 3.88 8.50
CA GLU A 34 8.60 4.98 9.37
C GLU A 34 9.22 4.51 10.71
N GLY A 35 9.26 3.20 10.97
CA GLY A 35 9.91 2.59 12.15
C GLY A 35 9.15 2.75 13.47
N VAL A 36 7.84 3.04 13.42
CA VAL A 36 6.97 3.23 14.59
C VAL A 36 6.75 1.92 15.36
N LYS A 37 6.69 1.99 16.69
CA LYS A 37 6.64 0.84 17.63
C LYS A 37 5.54 1.01 18.68
ZN ZN B . 5.31 -0.60 1.91
N GLY A 1 7.68 -3.64 -14.14
CA GLY A 1 6.75 -4.77 -14.16
C GLY A 1 5.96 -4.83 -15.47
N SER A 2 5.80 -6.03 -16.03
CA SER A 2 5.18 -6.24 -17.36
C SER A 2 3.65 -6.07 -17.40
N SER A 3 2.98 -6.15 -16.25
CA SER A 3 1.51 -6.04 -16.10
C SER A 3 1.13 -5.18 -14.89
N GLY A 4 0.04 -4.42 -15.00
CA GLY A 4 -0.52 -3.60 -13.93
C GLY A 4 -1.39 -4.39 -12.93
N SER A 5 -1.66 -3.80 -11.77
CA SER A 5 -2.58 -4.32 -10.75
C SER A 5 -4.06 -4.04 -11.10
N SER A 6 -4.97 -4.86 -10.56
CA SER A 6 -6.41 -4.79 -10.87
C SER A 6 -7.13 -3.64 -10.17
N GLY A 7 -8.08 -2.99 -10.87
CA GLY A 7 -8.91 -1.91 -10.34
C GLY A 7 -8.15 -0.63 -9.97
N ARG A 8 -8.79 0.23 -9.17
CA ARG A 8 -8.22 1.50 -8.64
C ARG A 8 -7.37 1.26 -7.39
N ALA A 9 -6.35 0.42 -7.52
CA ALA A 9 -5.42 0.06 -6.45
C ALA A 9 -4.50 1.22 -6.00
N MET A 10 -3.92 1.04 -4.82
CA MET A 10 -3.01 1.97 -4.14
C MET A 10 -1.61 1.32 -4.06
N LYS A 11 -0.53 2.08 -4.31
CA LYS A 11 0.87 1.64 -4.16
C LYS A 11 1.59 2.36 -3.01
N CYS A 12 2.26 1.59 -2.14
CA CYS A 12 2.94 2.08 -0.93
C CYS A 12 3.95 3.21 -1.22
N PRO A 13 4.01 4.25 -0.36
CA PRO A 13 4.93 5.37 -0.55
C PRO A 13 6.41 5.03 -0.26
N TYR A 14 6.72 3.81 0.18
CA TYR A 14 8.09 3.35 0.51
C TYR A 14 8.53 2.07 -0.24
N CYS A 15 7.60 1.19 -0.63
CA CYS A 15 7.90 -0.08 -1.32
C CYS A 15 6.93 -0.41 -2.46
N ASP A 16 7.08 -1.60 -3.06
CA ASP A 16 6.30 -2.07 -4.21
C ASP A 16 4.93 -2.70 -3.83
N PHE A 17 4.59 -2.78 -2.54
CA PHE A 17 3.37 -3.47 -2.07
C PHE A 17 2.07 -2.68 -2.34
N TYR A 18 0.97 -3.41 -2.60
CA TYR A 18 -0.34 -2.86 -2.96
C TYR A 18 -1.42 -2.99 -1.88
N PHE A 19 -2.34 -2.01 -1.85
CA PHE A 19 -3.57 -1.98 -1.06
C PHE A 19 -4.77 -1.53 -1.94
N MET A 20 -5.99 -1.59 -1.38
CA MET A 20 -7.23 -1.19 -2.06
C MET A 20 -8.18 -0.44 -1.10
N LYS A 21 -8.97 0.51 -1.62
CA LYS A 21 -9.99 1.31 -0.89
C LYS A 21 -9.49 1.98 0.40
N ASN A 22 -8.20 2.34 0.44
CA ASN A 22 -7.51 2.99 1.58
C ASN A 22 -7.77 2.32 2.95
N GLY A 23 -7.68 0.98 3.00
CA GLY A 23 -7.86 0.20 4.22
C GLY A 23 -6.83 0.53 5.33
N SER A 24 -7.23 0.40 6.59
CA SER A 24 -6.45 0.83 7.77
C SER A 24 -5.12 0.10 7.97
N ASP A 25 -4.94 -1.07 7.35
CA ASP A 25 -3.65 -1.78 7.33
C ASP A 25 -2.54 -1.02 6.57
N LEU A 26 -2.90 -0.12 5.64
CA LEU A 26 -1.93 0.76 4.98
C LEU A 26 -1.27 1.72 5.98
N GLN A 27 -2.04 2.27 6.93
CA GLN A 27 -1.51 3.16 7.97
C GLN A 27 -0.47 2.44 8.84
N ARG A 28 -0.74 1.18 9.22
CA ARG A 28 0.20 0.33 9.98
C ARG A 28 1.43 -0.04 9.14
N HIS A 29 1.23 -0.37 7.87
CA HIS A 29 2.31 -0.70 6.92
C HIS A 29 3.25 0.48 6.66
N ILE A 30 2.74 1.71 6.58
CA ILE A 30 3.55 2.92 6.43
C ILE A 30 4.28 3.27 7.73
N TRP A 31 3.56 3.27 8.86
CA TRP A 31 4.16 3.44 10.18
C TRP A 31 5.32 2.46 10.43
N ALA A 32 5.27 1.26 9.84
CA ALA A 32 6.34 0.27 9.93
C ALA A 32 7.60 0.67 9.13
N HIS A 33 7.44 1.27 7.94
CA HIS A 33 8.55 1.87 7.17
C HIS A 33 9.14 3.11 7.88
N GLU A 34 8.32 3.87 8.59
CA GLU A 34 8.75 4.97 9.48
C GLU A 34 9.39 4.48 10.80
N GLY A 35 9.44 3.16 11.06
CA GLY A 35 10.08 2.55 12.22
C GLY A 35 9.27 2.65 13.53
N VAL A 36 7.98 2.95 13.46
CA VAL A 36 7.07 3.08 14.62
C VAL A 36 6.75 1.69 15.21
N LYS A 37 6.80 1.59 16.55
CA LYS A 37 6.51 0.37 17.34
C LYS A 37 5.67 0.70 18.57
ZN ZN B . 5.47 -0.58 1.94
N GLY A 1 -5.77 -8.11 -9.51
CA GLY A 1 -5.64 -6.99 -8.55
C GLY A 1 -6.87 -6.11 -8.53
N SER A 2 -7.03 -5.30 -7.48
CA SER A 2 -8.19 -4.40 -7.28
C SER A 2 -8.25 -3.26 -8.31
N SER A 3 -9.47 -2.85 -8.68
CA SER A 3 -9.71 -1.91 -9.78
C SER A 3 -10.74 -0.82 -9.43
N GLY A 4 -11.96 -1.19 -9.03
CA GLY A 4 -13.01 -0.25 -8.59
C GLY A 4 -13.36 0.83 -9.61
N SER A 5 -13.77 2.01 -9.12
CA SER A 5 -14.16 3.17 -9.94
C SER A 5 -12.97 3.96 -10.53
N SER A 6 -11.79 3.86 -9.92
CA SER A 6 -10.53 4.49 -10.38
C SER A 6 -9.77 3.66 -11.43
N GLY A 7 -10.15 2.39 -11.61
CA GLY A 7 -9.52 1.44 -12.53
C GLY A 7 -8.17 0.87 -12.05
N ARG A 8 -7.74 1.19 -10.81
CA ARG A 8 -6.40 0.89 -10.29
C ARG A 8 -6.30 0.90 -8.76
N ALA A 9 -5.37 0.10 -8.21
CA ALA A 9 -4.98 0.15 -6.80
C ALA A 9 -3.96 1.29 -6.54
N MET A 10 -3.68 1.56 -5.25
CA MET A 10 -2.61 2.46 -4.80
C MET A 10 -1.30 1.68 -4.59
N LYS A 11 -0.14 2.35 -4.71
CA LYS A 11 1.19 1.78 -4.45
C LYS A 11 1.89 2.46 -3.26
N CYS A 12 2.54 1.66 -2.42
CA CYS A 12 3.16 2.08 -1.17
C CYS A 12 4.21 3.20 -1.36
N PRO A 13 4.22 4.23 -0.50
CA PRO A 13 5.20 5.32 -0.58
C PRO A 13 6.64 4.90 -0.21
N TYR A 14 6.88 3.65 0.22
CA TYR A 14 8.19 3.14 0.63
C TYR A 14 8.61 1.82 -0.05
N CYS A 15 7.68 0.96 -0.48
CA CYS A 15 7.97 -0.33 -1.10
C CYS A 15 7.14 -0.64 -2.37
N ASP A 16 7.29 -1.86 -2.90
CA ASP A 16 6.67 -2.31 -4.15
C ASP A 16 5.21 -2.78 -3.99
N PHE A 17 4.67 -2.84 -2.77
CA PHE A 17 3.37 -3.45 -2.47
C PHE A 17 2.15 -2.54 -2.76
N TYR A 18 0.99 -3.15 -3.04
CA TYR A 18 -0.26 -2.49 -3.40
C TYR A 18 -1.40 -2.71 -2.37
N PHE A 19 -2.27 -1.70 -2.23
CA PHE A 19 -3.51 -1.74 -1.44
C PHE A 19 -4.64 -0.99 -2.16
N MET A 20 -5.90 -1.26 -1.81
CA MET A 20 -7.05 -0.46 -2.26
C MET A 20 -8.18 -0.48 -1.24
N LYS A 21 -8.68 0.71 -0.85
CA LYS A 21 -9.73 0.95 0.15
C LYS A 21 -9.56 0.20 1.50
N ASN A 22 -8.32 -0.11 1.87
CA ASN A 22 -7.97 -0.87 3.09
C ASN A 22 -7.82 0.01 4.35
N GLY A 23 -7.78 1.34 4.20
CA GLY A 23 -7.79 2.31 5.32
C GLY A 23 -6.63 2.13 6.30
N SER A 24 -6.96 1.90 7.58
CA SER A 24 -5.99 1.74 8.68
C SER A 24 -4.96 0.64 8.46
N ASP A 25 -5.26 -0.39 7.65
CA ASP A 25 -4.32 -1.47 7.33
C ASP A 25 -3.16 -1.00 6.42
N LEU A 26 -3.39 -0.01 5.55
CA LEU A 26 -2.33 0.68 4.81
C LEU A 26 -1.58 1.66 5.73
N GLN A 27 -2.29 2.36 6.62
CA GLN A 27 -1.66 3.31 7.55
C GLN A 27 -0.63 2.61 8.45
N ARG A 28 -0.94 1.44 9.02
CA ARG A 28 0.02 0.65 9.81
C ARG A 28 1.15 0.05 8.97
N HIS A 29 0.91 -0.32 7.71
CA HIS A 29 1.96 -0.75 6.78
C HIS A 29 2.96 0.39 6.49
N ILE A 30 2.49 1.63 6.39
CA ILE A 30 3.35 2.82 6.20
C ILE A 30 4.08 3.19 7.48
N TRP A 31 3.37 3.28 8.61
CA TRP A 31 3.98 3.54 9.93
C TRP A 31 5.09 2.53 10.27
N ALA A 32 5.00 1.30 9.76
CA ALA A 32 6.04 0.28 9.90
C ALA A 32 7.32 0.60 9.10
N HIS A 33 7.21 1.17 7.90
CA HIS A 33 8.36 1.69 7.14
C HIS A 33 8.99 2.92 7.81
N GLU A 34 8.18 3.75 8.48
CA GLU A 34 8.65 4.84 9.35
C GLU A 34 9.23 4.36 10.70
N GLY A 35 9.25 3.04 10.96
CA GLY A 35 9.86 2.43 12.15
C GLY A 35 9.03 2.52 13.44
N VAL A 36 7.74 2.87 13.34
CA VAL A 36 6.81 2.98 14.49
C VAL A 36 6.40 1.58 14.98
N LYS A 37 6.44 1.38 16.30
CA LYS A 37 6.08 0.14 17.00
C LYS A 37 5.49 0.39 18.40
ZN ZN B . 5.27 -0.72 1.90
N GLY A 1 0.71 -6.51 -22.87
CA GLY A 1 -0.58 -6.14 -22.24
C GLY A 1 -0.62 -6.50 -20.76
N SER A 2 -1.71 -6.14 -20.09
CA SER A 2 -1.93 -6.39 -18.65
C SER A 2 -2.10 -7.88 -18.30
N SER A 3 -1.75 -8.24 -17.07
CA SER A 3 -1.84 -9.61 -16.52
C SER A 3 -2.22 -9.62 -15.03
N GLY A 4 -2.61 -10.78 -14.50
CA GLY A 4 -3.05 -10.95 -13.11
C GLY A 4 -4.47 -10.40 -12.86
N SER A 5 -4.72 -9.92 -11.63
CA SER A 5 -6.03 -9.43 -11.18
C SER A 5 -6.53 -8.19 -11.96
N SER A 6 -7.85 -8.09 -12.14
CA SER A 6 -8.52 -6.96 -12.81
C SER A 6 -8.65 -5.73 -11.88
N GLY A 7 -9.03 -4.58 -12.46
CA GLY A 7 -9.16 -3.30 -11.75
C GLY A 7 -7.82 -2.61 -11.44
N ARG A 8 -7.83 -1.67 -10.49
CA ARG A 8 -6.68 -0.86 -10.05
C ARG A 8 -6.53 -0.84 -8.52
N ALA A 9 -5.34 -0.47 -8.05
CA ALA A 9 -4.98 -0.36 -6.64
C ALA A 9 -4.05 0.84 -6.36
N MET A 10 -3.91 1.19 -5.08
CA MET A 10 -2.91 2.14 -4.59
C MET A 10 -1.56 1.43 -4.42
N LYS A 11 -0.43 2.15 -4.56
CA LYS A 11 0.92 1.65 -4.24
C LYS A 11 1.52 2.39 -3.05
N CYS A 12 2.22 1.65 -2.20
CA CYS A 12 2.83 2.12 -0.97
C CYS A 12 3.77 3.33 -1.20
N PRO A 13 3.76 4.34 -0.30
CA PRO A 13 4.64 5.50 -0.39
C PRO A 13 6.12 5.21 -0.08
N TYR A 14 6.47 3.98 0.33
CA TYR A 14 7.84 3.56 0.68
C TYR A 14 8.33 2.30 -0.07
N CYS A 15 7.44 1.41 -0.51
CA CYS A 15 7.77 0.20 -1.27
C CYS A 15 6.84 -0.03 -2.49
N ASP A 16 6.91 -1.23 -3.08
CA ASP A 16 6.16 -1.64 -4.27
C ASP A 16 4.98 -2.57 -3.97
N PHE A 17 4.54 -2.66 -2.71
CA PHE A 17 3.34 -3.38 -2.29
C PHE A 17 2.06 -2.58 -2.59
N TYR A 18 0.97 -3.27 -2.93
CA TYR A 18 -0.32 -2.68 -3.32
C TYR A 18 -1.47 -2.98 -2.33
N PHE A 19 -2.40 -2.03 -2.20
CA PHE A 19 -3.69 -2.19 -1.50
C PHE A 19 -4.85 -1.69 -2.37
N MET A 20 -5.95 -2.44 -2.43
CA MET A 20 -7.16 -2.02 -3.18
C MET A 20 -7.94 -0.93 -2.43
N LYS A 21 -7.94 -0.96 -1.09
CA LYS A 21 -8.57 0.02 -0.19
C LYS A 21 -7.55 0.89 0.54
N ASN A 22 -7.97 2.08 0.98
CA ASN A 22 -7.23 2.94 1.89
C ASN A 22 -7.86 2.88 3.30
N GLY A 23 -7.04 2.74 4.35
CA GLY A 23 -7.51 2.57 5.73
C GLY A 23 -6.41 2.21 6.73
N SER A 24 -6.81 1.74 7.92
CA SER A 24 -5.91 1.47 9.05
C SER A 24 -4.86 0.40 8.76
N ASP A 25 -5.17 -0.65 7.99
CA ASP A 25 -4.22 -1.72 7.68
C ASP A 25 -3.08 -1.25 6.74
N LEU A 26 -3.36 -0.29 5.85
CA LEU A 26 -2.35 0.42 5.06
C LEU A 26 -1.56 1.40 5.94
N GLN A 27 -2.22 2.12 6.85
CA GLN A 27 -1.56 3.03 7.77
C GLN A 27 -0.55 2.31 8.70
N ARG A 28 -0.86 1.07 9.12
CA ARG A 28 0.08 0.18 9.84
C ARG A 28 1.27 -0.23 8.97
N HIS A 29 1.01 -0.64 7.73
CA HIS A 29 2.05 -0.96 6.75
C HIS A 29 3.00 0.23 6.49
N ILE A 30 2.48 1.46 6.48
CA ILE A 30 3.27 2.69 6.33
C ILE A 30 4.05 3.03 7.61
N TRP A 31 3.38 3.01 8.77
CA TRP A 31 4.02 3.20 10.07
C TRP A 31 5.19 2.22 10.32
N ALA A 32 5.16 1.05 9.70
CA ALA A 32 6.24 0.07 9.76
C ALA A 32 7.50 0.52 8.97
N HIS A 33 7.32 1.19 7.82
CA HIS A 33 8.42 1.82 7.08
C HIS A 33 8.97 3.07 7.79
N GLU A 34 8.10 3.82 8.48
CA GLU A 34 8.50 4.93 9.37
C GLU A 34 9.17 4.45 10.69
N GLY A 35 9.21 3.14 10.95
CA GLY A 35 9.90 2.55 12.11
C GLY A 35 9.18 2.73 13.45
N VAL A 36 7.85 2.93 13.43
CA VAL A 36 7.02 3.13 14.63
C VAL A 36 7.00 1.86 15.50
N LYS A 37 7.10 2.04 16.83
CA LYS A 37 7.20 0.97 17.83
C LYS A 37 5.82 0.53 18.37
ZN ZN B . 5.31 -0.61 1.88
N GLY A 1 9.16 -6.56 -15.08
CA GLY A 1 7.93 -6.76 -14.28
C GLY A 1 6.97 -7.74 -14.93
N SER A 2 5.82 -7.95 -14.31
CA SER A 2 4.76 -8.88 -14.76
C SER A 2 3.35 -8.38 -14.41
N SER A 3 2.32 -8.93 -15.07
CA SER A 3 0.90 -8.57 -14.87
C SER A 3 0.36 -9.00 -13.50
N GLY A 4 -0.61 -8.26 -12.97
CA GLY A 4 -1.24 -8.52 -11.68
C GLY A 4 -2.34 -7.51 -11.31
N SER A 5 -2.76 -7.53 -10.04
CA SER A 5 -3.88 -6.73 -9.50
C SER A 5 -3.59 -5.22 -9.32
N SER A 6 -2.45 -4.74 -9.81
CA SER A 6 -1.97 -3.35 -9.66
C SER A 6 -2.82 -2.30 -10.39
N GLY A 7 -3.62 -2.71 -11.39
CA GLY A 7 -4.46 -1.80 -12.19
C GLY A 7 -5.49 -1.03 -11.34
N ARG A 8 -5.39 0.31 -11.36
CA ARG A 8 -6.18 1.27 -10.55
C ARG A 8 -6.11 1.04 -9.02
N ALA A 9 -5.13 0.28 -8.54
CA ALA A 9 -4.90 0.02 -7.11
C ALA A 9 -4.01 1.08 -6.45
N MET A 10 -4.05 1.12 -5.12
CA MET A 10 -3.21 1.95 -4.28
C MET A 10 -1.79 1.35 -4.23
N LYS A 11 -0.74 2.16 -4.38
CA LYS A 11 0.67 1.75 -4.20
C LYS A 11 1.31 2.40 -2.98
N CYS A 12 2.00 1.60 -2.16
CA CYS A 12 2.65 2.03 -0.93
C CYS A 12 3.65 3.18 -1.18
N PRO A 13 3.67 4.23 -0.32
CA PRO A 13 4.57 5.37 -0.49
C PRO A 13 6.04 5.06 -0.18
N TYR A 14 6.39 3.83 0.25
CA TYR A 14 7.75 3.42 0.61
C TYR A 14 8.24 2.14 -0.10
N CYS A 15 7.35 1.24 -0.53
CA CYS A 15 7.71 -0.01 -1.22
C CYS A 15 6.82 -0.31 -2.45
N ASP A 16 7.10 -1.43 -3.13
CA ASP A 16 6.47 -1.82 -4.39
C ASP A 16 5.07 -2.46 -4.22
N PHE A 17 4.60 -2.67 -2.99
CA PHE A 17 3.38 -3.44 -2.68
C PHE A 17 2.07 -2.64 -2.86
N TYR A 18 0.99 -3.37 -3.18
CA TYR A 18 -0.34 -2.84 -3.51
C TYR A 18 -1.44 -3.14 -2.47
N PHE A 19 -2.42 -2.24 -2.40
CA PHE A 19 -3.65 -2.35 -1.60
C PHE A 19 -4.87 -1.97 -2.45
N MET A 20 -6.03 -2.58 -2.20
CA MET A 20 -7.27 -2.27 -2.93
C MET A 20 -7.91 -0.93 -2.53
N LYS A 21 -7.77 -0.53 -1.27
CA LYS A 21 -8.33 0.68 -0.65
C LYS A 21 -7.42 1.21 0.47
N ASN A 22 -7.61 2.48 0.85
CA ASN A 22 -6.99 3.07 2.04
C ASN A 22 -7.70 2.57 3.33
N GLY A 23 -6.98 2.47 4.45
CA GLY A 23 -7.49 2.00 5.73
C GLY A 23 -6.40 1.81 6.79
N SER A 24 -6.80 1.39 8.00
CA SER A 24 -5.90 1.24 9.15
C SER A 24 -4.76 0.23 8.93
N ASP A 25 -4.96 -0.80 8.11
CA ASP A 25 -3.93 -1.77 7.76
C ASP A 25 -2.84 -1.17 6.85
N LEU A 26 -3.21 -0.30 5.91
CA LEU A 26 -2.25 0.49 5.12
C LEU A 26 -1.53 1.52 6.00
N GLN A 27 -2.26 2.20 6.89
CA GLN A 27 -1.66 3.15 7.85
C GLN A 27 -0.60 2.46 8.71
N ARG A 28 -0.89 1.24 9.24
CA ARG A 28 0.09 0.46 10.01
C ARG A 28 1.28 -0.01 9.18
N HIS A 29 1.06 -0.43 7.93
CA HIS A 29 2.12 -0.79 6.98
C HIS A 29 3.04 0.39 6.66
N ILE A 30 2.50 1.61 6.56
CA ILE A 30 3.29 2.84 6.37
C ILE A 30 4.05 3.21 7.65
N TRP A 31 3.37 3.20 8.79
CA TRP A 31 3.99 3.40 10.12
C TRP A 31 5.11 2.38 10.39
N ALA A 32 5.07 1.20 9.77
CA ALA A 32 6.14 0.21 9.84
C ALA A 32 7.39 0.60 9.04
N HIS A 33 7.22 1.22 7.86
CA HIS A 33 8.34 1.81 7.10
C HIS A 33 8.94 3.04 7.81
N GLU A 34 8.10 3.81 8.51
CA GLU A 34 8.52 4.90 9.41
C GLU A 34 9.15 4.41 10.74
N GLY A 35 9.18 3.09 11.00
CA GLY A 35 9.84 2.50 12.17
C GLY A 35 9.09 2.68 13.49
N VAL A 36 7.76 2.84 13.45
CA VAL A 36 6.89 3.03 14.62
C VAL A 36 6.61 1.70 15.34
N LYS A 37 6.73 1.71 16.67
CA LYS A 37 6.50 0.58 17.60
C LYS A 37 6.01 1.06 18.98
ZN ZN B . 5.18 -0.65 1.92
N GLY A 1 3.82 -3.97 -17.93
CA GLY A 1 3.93 -2.55 -17.52
C GLY A 1 3.31 -2.32 -16.14
N SER A 2 3.83 -1.35 -15.39
CA SER A 2 3.41 -1.04 -14.00
C SER A 2 1.96 -0.58 -13.88
N SER A 3 1.37 -0.03 -14.94
CA SER A 3 -0.06 0.30 -15.03
C SER A 3 -0.99 -0.92 -14.85
N GLY A 4 -0.50 -2.13 -15.15
CA GLY A 4 -1.21 -3.40 -14.89
C GLY A 4 -1.30 -3.77 -13.40
N SER A 5 -0.49 -3.15 -12.54
CA SER A 5 -0.50 -3.34 -11.08
C SER A 5 -1.08 -2.13 -10.33
N SER A 6 -0.76 -0.90 -10.77
CA SER A 6 -1.28 0.35 -10.19
C SER A 6 -2.71 0.69 -10.61
N GLY A 7 -3.21 0.12 -11.72
CA GLY A 7 -4.55 0.38 -12.24
C GLY A 7 -5.66 0.02 -11.25
N ARG A 8 -6.52 1.00 -10.91
CA ARG A 8 -7.60 0.91 -9.89
C ARG A 8 -7.11 0.43 -8.50
N ALA A 9 -5.85 0.70 -8.16
CA ALA A 9 -5.19 0.29 -6.92
C ALA A 9 -4.28 1.39 -6.35
N MET A 10 -3.78 1.16 -5.12
CA MET A 10 -2.88 2.05 -4.38
C MET A 10 -1.47 1.44 -4.33
N LYS A 11 -0.41 2.24 -4.51
CA LYS A 11 1.00 1.82 -4.36
C LYS A 11 1.70 2.50 -3.18
N CYS A 12 2.39 1.72 -2.34
CA CYS A 12 3.03 2.15 -1.09
C CYS A 12 4.03 3.32 -1.31
N PRO A 13 4.07 4.32 -0.40
CA PRO A 13 4.98 5.46 -0.51
C PRO A 13 6.46 5.12 -0.18
N TYR A 14 6.77 3.88 0.24
CA TYR A 14 8.12 3.42 0.61
C TYR A 14 8.61 2.18 -0.15
N CYS A 15 7.71 1.29 -0.59
CA CYS A 15 8.06 0.05 -1.30
C CYS A 15 7.16 -0.24 -2.53
N ASP A 16 7.39 -1.37 -3.19
CA ASP A 16 6.67 -1.81 -4.39
C ASP A 16 5.30 -2.47 -4.13
N PHE A 17 4.89 -2.60 -2.86
CA PHE A 17 3.66 -3.31 -2.47
C PHE A 17 2.37 -2.52 -2.75
N TYR A 18 1.27 -3.25 -3.02
CA TYR A 18 -0.04 -2.70 -3.40
C TYR A 18 -1.14 -2.90 -2.35
N PHE A 19 -2.11 -1.98 -2.33
CA PHE A 19 -3.32 -2.03 -1.51
C PHE A 19 -4.60 -1.83 -2.33
N MET A 20 -5.68 -2.44 -1.84
CA MET A 20 -7.05 -2.40 -2.39
C MET A 20 -8.12 -2.29 -1.26
N LYS A 21 -7.73 -1.71 -0.12
CA LYS A 21 -8.47 -1.66 1.15
C LYS A 21 -8.52 -0.24 1.73
N ASN A 22 -9.30 -0.07 2.82
CA ASN A 22 -9.42 1.21 3.54
C ASN A 22 -8.07 1.69 4.11
N GLY A 23 -7.89 3.01 4.19
CA GLY A 23 -6.61 3.66 4.54
C GLY A 23 -6.04 3.31 5.92
N SER A 24 -6.87 2.87 6.87
CA SER A 24 -6.43 2.46 8.21
C SER A 24 -5.51 1.23 8.20
N ASP A 25 -5.69 0.30 7.25
CA ASP A 25 -4.84 -0.90 7.12
C ASP A 25 -3.53 -0.59 6.37
N LEU A 26 -3.57 0.34 5.40
CA LEU A 26 -2.39 0.91 4.74
C LEU A 26 -1.53 1.73 5.71
N GLN A 27 -2.15 2.51 6.60
CA GLN A 27 -1.44 3.36 7.55
C GLN A 27 -0.54 2.55 8.50
N ARG A 28 -0.92 1.31 8.85
CA ARG A 28 -0.09 0.37 9.62
C ARG A 28 1.12 -0.12 8.83
N HIS A 29 0.95 -0.45 7.55
CA HIS A 29 2.05 -0.82 6.64
C HIS A 29 3.03 0.35 6.42
N ILE A 30 2.55 1.59 6.39
CA ILE A 30 3.39 2.79 6.30
C ILE A 30 4.14 3.07 7.61
N TRP A 31 3.42 3.05 8.74
CA TRP A 31 4.03 3.15 10.08
C TRP A 31 5.14 2.11 10.32
N ALA A 32 5.07 0.95 9.67
CA ALA A 32 6.11 -0.07 9.73
C ALA A 32 7.40 0.34 9.00
N HIS A 33 7.29 1.04 7.85
CA HIS A 33 8.44 1.64 7.16
C HIS A 33 9.02 2.84 7.93
N GLU A 34 8.17 3.61 8.63
CA GLU A 34 8.60 4.67 9.56
C GLU A 34 9.19 4.14 10.89
N GLY A 35 9.19 2.81 11.11
CA GLY A 35 9.81 2.16 12.27
C GLY A 35 9.03 2.31 13.59
N VAL A 36 7.73 2.55 13.53
CA VAL A 36 6.85 2.72 14.71
C VAL A 36 6.72 1.39 15.49
N LYS A 37 6.68 1.48 16.83
CA LYS A 37 6.56 0.35 17.77
C LYS A 37 5.35 0.51 18.70
ZN ZN B . 5.43 -0.59 1.80
N GLY A 1 -3.77 -9.71 -5.42
CA GLY A 1 -5.20 -10.11 -5.36
C GLY A 1 -5.46 -11.32 -6.25
N SER A 2 -6.33 -12.23 -5.80
CA SER A 2 -6.60 -13.52 -6.47
C SER A 2 -7.45 -13.42 -7.75
N SER A 3 -8.15 -12.30 -7.96
CA SER A 3 -8.97 -12.03 -9.15
C SER A 3 -9.05 -10.53 -9.45
N GLY A 4 -9.34 -10.17 -10.71
CA GLY A 4 -9.50 -8.79 -11.19
C GLY A 4 -10.88 -8.20 -10.82
N SER A 5 -11.13 -7.97 -9.53
CA SER A 5 -12.38 -7.43 -8.99
C SER A 5 -12.58 -5.93 -9.29
N SER A 6 -13.80 -5.43 -9.03
CA SER A 6 -14.21 -4.02 -9.27
C SER A 6 -13.67 -3.01 -8.24
N GLY A 7 -12.86 -3.46 -7.25
CA GLY A 7 -12.25 -2.62 -6.22
C GLY A 7 -11.15 -1.67 -6.73
N ARG A 8 -10.61 -0.83 -5.84
CA ARG A 8 -9.58 0.18 -6.14
C ARG A 8 -8.38 0.07 -5.18
N ALA A 9 -7.19 0.36 -5.68
CA ALA A 9 -5.92 0.21 -4.96
C ALA A 9 -4.89 1.32 -5.26
N MET A 10 -3.77 1.25 -4.55
CA MET A 10 -2.62 2.15 -4.65
C MET A 10 -1.31 1.38 -4.45
N LYS A 11 -0.16 2.03 -4.69
CA LYS A 11 1.21 1.48 -4.48
C LYS A 11 1.94 2.25 -3.36
N CYS A 12 2.61 1.51 -2.46
CA CYS A 12 3.19 2.02 -1.22
C CYS A 12 4.20 3.17 -1.44
N PRO A 13 4.22 4.20 -0.56
CA PRO A 13 5.13 5.33 -0.69
C PRO A 13 6.59 4.98 -0.32
N TYR A 14 6.88 3.75 0.13
CA TYR A 14 8.23 3.30 0.54
C TYR A 14 8.71 2.01 -0.16
N CYS A 15 7.80 1.14 -0.63
CA CYS A 15 8.13 -0.12 -1.31
C CYS A 15 7.23 -0.41 -2.54
N ASP A 16 7.44 -1.57 -3.18
CA ASP A 16 6.74 -1.97 -4.41
C ASP A 16 5.33 -2.55 -4.20
N PHE A 17 4.89 -2.76 -2.96
CA PHE A 17 3.67 -3.49 -2.63
C PHE A 17 2.38 -2.64 -2.75
N TYR A 18 1.26 -3.30 -3.05
CA TYR A 18 -0.06 -2.69 -3.23
C TYR A 18 -1.02 -2.94 -2.06
N PHE A 19 -1.92 -1.98 -1.79
CA PHE A 19 -3.05 -2.12 -0.86
C PHE A 19 -4.32 -1.51 -1.45
N MET A 20 -5.47 -2.07 -1.08
CA MET A 20 -6.80 -1.56 -1.46
C MET A 20 -7.21 -0.29 -0.70
N LYS A 21 -8.31 0.34 -1.12
CA LYS A 21 -8.91 1.58 -0.57
C LYS A 21 -9.41 1.54 0.90
N ASN A 22 -9.01 0.56 1.71
CA ASN A 22 -9.48 0.40 3.10
C ASN A 22 -8.86 1.39 4.11
N GLY A 23 -7.74 2.03 3.75
CA GLY A 23 -7.03 3.02 4.57
C GLY A 23 -6.23 2.40 5.74
N SER A 24 -6.89 1.72 6.67
CA SER A 24 -6.30 1.27 7.94
C SER A 24 -5.16 0.24 7.79
N ASP A 25 -5.26 -0.69 6.84
CA ASP A 25 -4.23 -1.72 6.63
C ASP A 25 -2.98 -1.15 5.94
N LEU A 26 -3.18 -0.14 5.07
CA LEU A 26 -2.09 0.65 4.48
C LEU A 26 -1.43 1.56 5.53
N GLN A 27 -2.21 2.21 6.40
CA GLN A 27 -1.71 3.12 7.42
C GLN A 27 -0.72 2.43 8.36
N ARG A 28 -1.03 1.21 8.83
CA ARG A 28 -0.11 0.42 9.67
C ARG A 28 1.13 -0.09 8.90
N HIS A 29 1.00 -0.38 7.61
CA HIS A 29 2.14 -0.74 6.75
C HIS A 29 3.10 0.44 6.51
N ILE A 30 2.58 1.67 6.37
CA ILE A 30 3.40 2.87 6.22
C ILE A 30 4.08 3.25 7.54
N TRP A 31 3.32 3.25 8.63
CA TRP A 31 3.85 3.41 9.99
C TRP A 31 4.99 2.43 10.31
N ALA A 32 4.96 1.23 9.71
CA ALA A 32 6.02 0.22 9.87
C ALA A 32 7.32 0.60 9.12
N HIS A 33 7.22 1.20 7.93
CA HIS A 33 8.38 1.79 7.23
C HIS A 33 8.96 2.99 7.99
N GLU A 34 8.12 3.78 8.65
CA GLU A 34 8.50 4.85 9.58
C GLU A 34 9.03 4.33 10.94
N GLY A 35 9.08 3.01 11.15
CA GLY A 35 9.65 2.37 12.35
C GLY A 35 8.77 2.41 13.60
N VAL A 36 7.48 2.74 13.47
CA VAL A 36 6.52 2.86 14.57
C VAL A 36 6.06 1.47 15.05
N LYS A 37 6.03 1.27 16.37
CA LYS A 37 5.60 0.03 17.06
C LYS A 37 4.75 0.34 18.30
ZN ZN B . 5.57 -0.61 1.84
N GLY A 1 11.85 -8.64 -13.56
CA GLY A 1 10.97 -7.44 -13.58
C GLY A 1 9.51 -7.79 -13.41
N SER A 2 8.61 -6.86 -13.74
CA SER A 2 7.14 -7.01 -13.68
C SER A 2 6.44 -6.20 -14.77
N SER A 3 5.22 -6.60 -15.15
CA SER A 3 4.40 -5.98 -16.20
C SER A 3 2.88 -6.12 -15.93
N GLY A 4 2.07 -5.29 -16.59
CA GLY A 4 0.61 -5.27 -16.47
C GLY A 4 -0.06 -4.20 -17.34
N SER A 5 -1.39 -4.13 -17.29
CA SER A 5 -2.20 -3.14 -18.02
C SER A 5 -3.49 -2.79 -17.25
N SER A 6 -3.98 -1.56 -17.43
CA SER A 6 -5.23 -1.01 -16.86
C SER A 6 -5.38 -1.11 -15.33
N GLY A 7 -4.26 -1.21 -14.59
CA GLY A 7 -4.24 -1.27 -13.11
C GLY A 7 -4.55 0.09 -12.46
N ARG A 8 -5.31 0.06 -11.36
CA ARG A 8 -5.76 1.27 -10.62
C ARG A 8 -5.58 1.16 -9.09
N ALA A 9 -4.82 0.18 -8.61
CA ALA A 9 -4.50 -0.02 -7.20
C ALA A 9 -3.48 1.02 -6.67
N MET A 10 -3.44 1.17 -5.34
CA MET A 10 -2.56 2.10 -4.63
C MET A 10 -1.17 1.47 -4.45
N LYS A 11 -0.08 2.15 -4.82
CA LYS A 11 1.31 1.69 -4.58
C LYS A 11 1.88 2.31 -3.30
N CYS A 12 2.44 1.48 -2.40
CA CYS A 12 3.04 1.93 -1.15
C CYS A 12 4.10 3.04 -1.38
N PRO A 13 4.13 4.10 -0.55
CA PRO A 13 5.08 5.20 -0.70
C PRO A 13 6.53 4.85 -0.37
N TYR A 14 6.81 3.62 0.08
CA TYR A 14 8.16 3.15 0.46
C TYR A 14 8.60 1.84 -0.24
N CYS A 15 7.68 0.99 -0.69
CA CYS A 15 7.99 -0.29 -1.36
C CYS A 15 7.06 -0.62 -2.56
N ASP A 16 7.28 -1.77 -3.20
CA ASP A 16 6.60 -2.18 -4.43
C ASP A 16 5.25 -2.90 -4.21
N PHE A 17 4.80 -3.07 -2.95
CA PHE A 17 3.53 -3.72 -2.64
C PHE A 17 2.30 -2.83 -2.90
N TYR A 18 1.24 -3.43 -3.44
CA TYR A 18 -0.05 -2.78 -3.72
C TYR A 18 -1.11 -2.97 -2.63
N PHE A 19 -1.98 -1.96 -2.50
CA PHE A 19 -3.03 -1.82 -1.49
C PHE A 19 -4.32 -1.23 -2.07
N MET A 20 -5.39 -1.30 -1.26
CA MET A 20 -6.67 -0.61 -1.47
C MET A 20 -6.93 0.35 -0.28
N LYS A 21 -7.90 1.26 -0.40
CA LYS A 21 -8.31 2.27 0.60
C LYS A 21 -9.02 1.68 1.85
N ASN A 22 -8.54 0.53 2.35
CA ASN A 22 -9.13 -0.26 3.43
C ASN A 22 -8.75 0.29 4.83
N GLY A 23 -9.02 1.57 5.07
CA GLY A 23 -8.81 2.25 6.35
C GLY A 23 -7.38 2.16 6.87
N SER A 24 -7.22 1.64 8.09
CA SER A 24 -5.92 1.50 8.78
C SER A 24 -5.01 0.40 8.22
N ASP A 25 -5.48 -0.46 7.31
CA ASP A 25 -4.68 -1.58 6.78
C ASP A 25 -3.48 -1.13 5.92
N LEU A 26 -3.58 0.02 5.25
CA LEU A 26 -2.46 0.70 4.60
C LEU A 26 -1.63 1.50 5.61
N GLN A 27 -2.30 2.18 6.55
CA GLN A 27 -1.65 3.06 7.53
C GLN A 27 -0.65 2.29 8.40
N ARG A 28 -1.01 1.09 8.89
CA ARG A 28 -0.13 0.23 9.68
C ARG A 28 1.11 -0.24 8.92
N HIS A 29 0.99 -0.45 7.60
CA HIS A 29 2.11 -0.83 6.73
C HIS A 29 3.05 0.35 6.46
N ILE A 30 2.53 1.58 6.34
CA ILE A 30 3.34 2.79 6.18
C ILE A 30 4.05 3.18 7.48
N TRP A 31 3.31 3.21 8.60
CA TRP A 31 3.86 3.44 9.94
C TRP A 31 5.00 2.46 10.28
N ALA A 32 4.99 1.26 9.70
CA ALA A 32 6.07 0.29 9.85
C ALA A 32 7.35 0.69 9.09
N HIS A 33 7.22 1.23 7.87
CA HIS A 33 8.35 1.82 7.13
C HIS A 33 8.91 3.08 7.81
N GLU A 34 8.04 3.88 8.45
CA GLU A 34 8.42 5.04 9.27
C GLU A 34 9.03 4.65 10.64
N GLY A 35 9.00 3.36 11.02
CA GLY A 35 9.59 2.85 12.26
C GLY A 35 8.81 3.21 13.54
N VAL A 36 7.50 3.47 13.43
CA VAL A 36 6.62 3.88 14.54
C VAL A 36 6.54 2.80 15.63
N LYS A 37 6.55 3.24 16.90
CA LYS A 37 6.57 2.38 18.10
C LYS A 37 5.23 2.40 18.85
ZN ZN B . 5.43 -0.73 1.85
N GLY A 1 9.22 -0.66 -13.88
CA GLY A 1 8.38 -1.42 -14.84
C GLY A 1 7.80 -2.67 -14.20
N SER A 2 7.84 -3.80 -14.92
CA SER A 2 7.41 -5.13 -14.45
C SER A 2 5.96 -5.23 -13.92
N SER A 3 5.06 -4.38 -14.43
CA SER A 3 3.64 -4.32 -14.07
C SER A 3 2.78 -3.80 -15.23
N GLY A 4 1.50 -4.21 -15.27
CA GLY A 4 0.53 -3.83 -16.31
C GLY A 4 -0.78 -4.63 -16.23
N SER A 5 -1.71 -4.33 -17.13
CA SER A 5 -3.00 -5.04 -17.30
C SER A 5 -3.83 -5.19 -16.00
N SER A 6 -3.83 -4.15 -15.16
CA SER A 6 -4.49 -4.12 -13.84
C SER A 6 -5.17 -2.76 -13.57
N GLY A 7 -6.04 -2.72 -12.55
CA GLY A 7 -6.81 -1.54 -12.15
C GLY A 7 -6.01 -0.44 -11.42
N ARG A 8 -6.70 0.64 -11.06
CA ARG A 8 -6.15 1.85 -10.41
C ARG A 8 -5.84 1.70 -8.90
N ALA A 9 -5.20 0.59 -8.53
CA ALA A 9 -4.83 0.26 -7.15
C ALA A 9 -3.80 1.26 -6.55
N MET A 10 -3.80 1.33 -5.22
CA MET A 10 -2.93 2.18 -4.42
C MET A 10 -1.52 1.56 -4.34
N LYS A 11 -0.45 2.34 -4.49
CA LYS A 11 0.95 1.90 -4.27
C LYS A 11 1.56 2.54 -3.02
N CYS A 12 2.19 1.73 -2.16
CA CYS A 12 2.85 2.17 -0.93
C CYS A 12 3.89 3.28 -1.20
N PRO A 13 3.96 4.32 -0.34
CA PRO A 13 4.92 5.42 -0.51
C PRO A 13 6.39 5.04 -0.20
N TYR A 14 6.66 3.80 0.23
CA TYR A 14 8.01 3.31 0.57
C TYR A 14 8.44 2.04 -0.18
N CYS A 15 7.51 1.17 -0.60
CA CYS A 15 7.81 -0.10 -1.27
C CYS A 15 6.88 -0.42 -2.46
N ASP A 16 7.10 -1.57 -3.11
CA ASP A 16 6.39 -2.01 -4.31
C ASP A 16 5.09 -2.79 -4.05
N PHE A 17 4.62 -2.86 -2.79
CA PHE A 17 3.35 -3.51 -2.44
C PHE A 17 2.13 -2.62 -2.73
N TYR A 18 1.05 -3.25 -3.21
CA TYR A 18 -0.23 -2.63 -3.56
C TYR A 18 -1.35 -2.91 -2.55
N PHE A 19 -2.31 -1.98 -2.49
CA PHE A 19 -3.56 -2.08 -1.72
C PHE A 19 -4.77 -1.75 -2.61
N MET A 20 -5.87 -2.50 -2.45
CA MET A 20 -7.15 -2.28 -3.14
C MET A 20 -8.21 -1.54 -2.30
N LYS A 21 -7.86 -1.17 -1.05
CA LYS A 21 -8.76 -0.58 -0.03
C LYS A 21 -8.02 0.42 0.85
N ASN A 22 -8.71 1.51 1.22
CA ASN A 22 -8.26 2.48 2.22
C ASN A 22 -8.79 2.12 3.63
N GLY A 23 -8.02 2.43 4.67
CA GLY A 23 -8.32 2.08 6.07
C GLY A 23 -7.09 2.18 6.98
N SER A 24 -7.12 1.49 8.12
CA SER A 24 -5.99 1.44 9.06
C SER A 24 -4.84 0.54 8.59
N ASP A 25 -5.11 -0.46 7.76
CA ASP A 25 -4.12 -1.47 7.35
C ASP A 25 -2.94 -0.88 6.56
N LEU A 26 -3.23 0.06 5.64
CA LEU A 26 -2.20 0.83 4.93
C LEU A 26 -1.44 1.76 5.89
N GLN A 27 -2.13 2.37 6.86
CA GLN A 27 -1.50 3.28 7.81
C GLN A 27 -0.50 2.54 8.72
N ARG A 28 -0.84 1.35 9.22
CA ARG A 28 0.11 0.47 9.94
C ARG A 28 1.28 0.05 9.07
N HIS A 29 1.02 -0.33 7.83
CA HIS A 29 2.05 -0.70 6.85
C HIS A 29 3.05 0.45 6.58
N ILE A 30 2.57 1.69 6.53
CA ILE A 30 3.42 2.89 6.36
C ILE A 30 4.18 3.23 7.65
N TRP A 31 3.49 3.28 8.78
CA TRP A 31 4.11 3.50 10.10
C TRP A 31 5.23 2.49 10.39
N ALA A 32 5.14 1.27 9.84
CA ALA A 32 6.18 0.24 9.93
C ALA A 32 7.44 0.59 9.12
N HIS A 33 7.31 1.20 7.94
CA HIS A 33 8.45 1.75 7.17
C HIS A 33 9.09 2.95 7.88
N GLU A 34 8.30 3.76 8.60
CA GLU A 34 8.78 4.81 9.51
C GLU A 34 9.38 4.28 10.82
N GLY A 35 9.43 2.95 11.02
CA GLY A 35 10.06 2.28 12.17
C GLY A 35 9.22 2.26 13.46
N VAL A 36 7.93 2.61 13.38
CA VAL A 36 7.00 2.63 14.53
C VAL A 36 6.50 1.21 14.83
N LYS A 37 6.45 0.85 16.12
CA LYS A 37 6.00 -0.46 16.66
C LYS A 37 5.07 -0.29 17.86
ZN ZN B . 5.26 -0.59 1.95
N GLY A 1 7.17 1.38 -19.45
CA GLY A 1 7.80 2.64 -18.99
C GLY A 1 6.78 3.61 -18.43
N SER A 2 6.75 4.84 -18.95
CA SER A 2 5.75 5.88 -18.58
C SER A 2 4.30 5.53 -18.92
N SER A 3 4.10 4.51 -19.77
CA SER A 3 2.82 3.85 -20.07
C SER A 3 2.20 3.07 -18.90
N GLY A 4 2.98 2.77 -17.85
CA GLY A 4 2.52 2.04 -16.65
C GLY A 4 1.54 2.84 -15.79
N SER A 5 0.69 2.14 -15.03
CA SER A 5 -0.33 2.72 -14.14
C SER A 5 -0.63 1.81 -12.94
N SER A 6 -1.04 2.41 -11.82
CA SER A 6 -1.56 1.72 -10.63
C SER A 6 -3.02 1.28 -10.77
N GLY A 7 -3.74 1.76 -11.80
CA GLY A 7 -5.13 1.38 -12.09
C GLY A 7 -6.09 1.78 -10.96
N ARG A 8 -6.84 0.81 -10.44
CA ARG A 8 -7.79 0.98 -9.32
C ARG A 8 -7.14 0.86 -7.92
N ALA A 9 -5.86 0.49 -7.86
CA ALA A 9 -5.13 0.23 -6.63
C ALA A 9 -4.18 1.38 -6.23
N MET A 10 -3.58 1.26 -5.04
CA MET A 10 -2.69 2.24 -4.41
C MET A 10 -1.30 1.61 -4.23
N LYS A 11 -0.21 2.30 -4.61
CA LYS A 11 1.18 1.83 -4.39
C LYS A 11 1.82 2.46 -3.14
N CYS A 12 2.39 1.64 -2.25
CA CYS A 12 3.02 2.08 -1.00
C CYS A 12 4.10 3.16 -1.25
N PRO A 13 4.18 4.20 -0.39
CA PRO A 13 5.16 5.28 -0.56
C PRO A 13 6.61 4.88 -0.24
N TYR A 14 6.87 3.65 0.20
CA TYR A 14 8.20 3.13 0.56
C TYR A 14 8.62 1.84 -0.17
N CYS A 15 7.67 1.01 -0.61
CA CYS A 15 7.95 -0.27 -1.30
C CYS A 15 7.01 -0.56 -2.49
N ASP A 16 7.25 -1.68 -3.18
CA ASP A 16 6.55 -2.06 -4.42
C ASP A 16 5.20 -2.77 -4.19
N PHE A 17 4.76 -2.97 -2.94
CA PHE A 17 3.50 -3.62 -2.60
C PHE A 17 2.28 -2.69 -2.73
N TYR A 18 1.15 -3.27 -3.16
CA TYR A 18 -0.12 -2.58 -3.38
C TYR A 18 -1.16 -2.76 -2.25
N PHE A 19 -2.02 -1.75 -2.11
CA PHE A 19 -3.18 -1.69 -1.21
C PHE A 19 -4.46 -1.29 -1.97
N MET A 20 -5.62 -1.59 -1.37
CA MET A 20 -6.95 -1.37 -1.93
C MET A 20 -7.97 -1.03 -0.83
N LYS A 21 -9.09 -0.41 -1.21
CA LYS A 21 -10.24 -0.06 -0.35
C LYS A 21 -9.83 0.72 0.93
N ASN A 22 -9.99 0.15 2.11
CA ASN A 22 -9.81 0.84 3.40
C ASN A 22 -8.32 1.09 3.72
N GLY A 23 -7.97 2.35 4.04
CA GLY A 23 -6.61 2.76 4.42
C GLY A 23 -6.17 2.40 5.83
N SER A 24 -7.01 1.71 6.63
CA SER A 24 -6.68 1.27 7.99
C SER A 24 -5.46 0.34 8.07
N ASP A 25 -5.29 -0.55 7.09
CA ASP A 25 -4.12 -1.45 6.99
C ASP A 25 -2.90 -0.75 6.36
N LEU A 26 -3.12 0.16 5.41
CA LEU A 26 -2.07 0.94 4.77
C LEU A 26 -1.33 1.84 5.77
N GLN A 27 -2.07 2.48 6.69
CA GLN A 27 -1.47 3.34 7.72
C GLN A 27 -0.48 2.59 8.61
N ARG A 28 -0.85 1.38 9.08
CA ARG A 28 0.04 0.52 9.87
C ARG A 28 1.25 0.04 9.05
N HIS A 29 1.05 -0.31 7.79
CA HIS A 29 2.12 -0.70 6.86
C HIS A 29 3.13 0.44 6.61
N ILE A 30 2.66 1.69 6.52
CA ILE A 30 3.52 2.87 6.37
C ILE A 30 4.24 3.21 7.67
N TRP A 31 3.53 3.25 8.79
CA TRP A 31 4.11 3.45 10.12
C TRP A 31 5.21 2.42 10.44
N ALA A 32 5.12 1.22 9.86
CA ALA A 32 6.16 0.19 9.98
C ALA A 32 7.44 0.53 9.18
N HIS A 33 7.32 1.11 7.98
CA HIS A 33 8.47 1.65 7.23
C HIS A 33 9.11 2.87 7.93
N GLU A 34 8.30 3.69 8.61
CA GLU A 34 8.77 4.78 9.48
C GLU A 34 9.35 4.30 10.83
N GLY A 35 9.31 3.00 11.13
CA GLY A 35 9.90 2.39 12.34
C GLY A 35 9.12 2.66 13.64
N VAL A 36 7.83 2.98 13.54
CA VAL A 36 6.95 3.27 14.69
C VAL A 36 6.68 1.98 15.51
N LYS A 37 6.73 2.11 16.84
CA LYS A 37 6.53 1.00 17.81
C LYS A 37 5.06 0.69 18.05
ZN ZN B . 5.37 -0.67 1.93
N GLY A 1 -11.21 -12.85 -14.08
CA GLY A 1 -11.66 -11.64 -13.35
C GLY A 1 -10.51 -10.67 -13.13
N SER A 2 -10.83 -9.38 -12.96
CA SER A 2 -9.87 -8.30 -12.68
C SER A 2 -9.46 -8.23 -11.20
N SER A 3 -8.41 -7.45 -10.89
CA SER A 3 -7.94 -7.20 -9.52
C SER A 3 -8.78 -6.17 -8.74
N GLY A 4 -9.70 -5.47 -9.42
CA GLY A 4 -10.62 -4.48 -8.84
C GLY A 4 -11.50 -3.83 -9.90
N SER A 5 -12.67 -3.30 -9.50
CA SER A 5 -13.68 -2.74 -10.41
C SER A 5 -13.24 -1.47 -11.16
N SER A 6 -12.26 -0.74 -10.62
CA SER A 6 -11.61 0.42 -11.25
C SER A 6 -10.47 0.04 -12.21
N GLY A 7 -10.00 -1.22 -12.18
CA GLY A 7 -8.79 -1.67 -12.88
C GLY A 7 -7.48 -1.13 -12.29
N ARG A 8 -7.51 -0.50 -11.10
CA ARG A 8 -6.38 0.20 -10.45
C ARG A 8 -6.24 -0.18 -8.96
N ALA A 9 -5.07 0.11 -8.39
CA ALA A 9 -4.75 -0.05 -6.97
C ALA A 9 -3.73 1.02 -6.51
N MET A 10 -3.66 1.23 -5.19
CA MET A 10 -2.77 2.19 -4.53
C MET A 10 -1.38 1.56 -4.33
N LYS A 11 -0.29 2.24 -4.72
CA LYS A 11 1.10 1.80 -4.47
C LYS A 11 1.69 2.43 -3.20
N CYS A 12 2.24 1.62 -2.30
CA CYS A 12 2.84 2.07 -1.04
C CYS A 12 3.90 3.17 -1.28
N PRO A 13 3.94 4.24 -0.44
CA PRO A 13 4.88 5.34 -0.62
C PRO A 13 6.34 4.99 -0.26
N TYR A 14 6.62 3.75 0.19
CA TYR A 14 7.95 3.28 0.61
C TYR A 14 8.41 1.99 -0.11
N CYS A 15 7.49 1.15 -0.61
CA CYS A 15 7.81 -0.11 -1.31
C CYS A 15 6.89 -0.41 -2.52
N ASP A 16 7.09 -1.56 -3.15
CA ASP A 16 6.36 -2.00 -4.35
C ASP A 16 5.03 -2.72 -4.06
N PHE A 17 4.61 -2.82 -2.79
CA PHE A 17 3.37 -3.50 -2.39
C PHE A 17 2.10 -2.65 -2.63
N TYR A 18 1.02 -3.30 -3.07
CA TYR A 18 -0.27 -2.66 -3.39
C TYR A 18 -1.37 -2.82 -2.32
N PHE A 19 -2.23 -1.80 -2.24
CA PHE A 19 -3.38 -1.70 -1.32
C PHE A 19 -4.64 -1.21 -2.07
N MET A 20 -5.82 -1.53 -1.53
CA MET A 20 -7.11 -1.05 -2.04
C MET A 20 -8.15 -0.97 -0.90
N LYS A 21 -8.90 0.14 -0.85
CA LYS A 21 -9.95 0.53 0.14
C LYS A 21 -9.53 0.62 1.63
N ASN A 22 -8.71 -0.29 2.14
CA ASN A 22 -8.34 -0.37 3.56
C ASN A 22 -7.20 0.61 3.92
N GLY A 23 -7.56 1.88 4.12
CA GLY A 23 -6.64 2.94 4.53
C GLY A 23 -6.01 2.73 5.91
N SER A 24 -6.67 2.01 6.82
CA SER A 24 -6.16 1.72 8.18
C SER A 24 -5.00 0.73 8.16
N ASP A 25 -5.11 -0.35 7.36
CA ASP A 25 -4.01 -1.33 7.20
C ASP A 25 -2.85 -0.76 6.37
N LEU A 26 -3.14 0.12 5.39
CA LEU A 26 -2.12 0.90 4.69
C LEU A 26 -1.36 1.84 5.65
N GLN A 27 -2.07 2.57 6.52
CA GLN A 27 -1.46 3.45 7.52
C GLN A 27 -0.57 2.68 8.49
N ARG A 28 -0.99 1.49 8.94
CA ARG A 28 -0.17 0.57 9.76
C ARG A 28 1.08 0.09 9.01
N HIS A 29 0.95 -0.27 7.73
CA HIS A 29 2.07 -0.68 6.87
C HIS A 29 3.06 0.47 6.61
N ILE A 30 2.60 1.71 6.49
CA ILE A 30 3.46 2.89 6.35
C ILE A 30 4.18 3.23 7.66
N TRP A 31 3.45 3.25 8.77
CA TRP A 31 4.03 3.38 10.12
C TRP A 31 5.09 2.30 10.41
N ALA A 32 5.00 1.14 9.78
CA ALA A 32 6.01 0.09 9.90
C ALA A 32 7.31 0.40 9.13
N HIS A 33 7.22 1.01 7.93
CA HIS A 33 8.39 1.53 7.20
C HIS A 33 9.05 2.70 7.96
N GLU A 34 8.26 3.55 8.61
CA GLU A 34 8.72 4.64 9.48
C GLU A 34 9.23 4.16 10.87
N GLY A 35 9.13 2.87 11.18
CA GLY A 35 9.65 2.26 12.42
C GLY A 35 8.91 2.68 13.70
N VAL A 36 7.62 3.04 13.58
CA VAL A 36 6.78 3.54 14.69
C VAL A 36 6.56 2.45 15.75
N LYS A 37 6.64 2.84 17.03
CA LYS A 37 6.49 1.99 18.22
C LYS A 37 5.82 2.71 19.39
ZN ZN B . 5.30 -0.64 1.86
N GLY A 1 4.81 3.36 -23.51
CA GLY A 1 5.24 1.97 -23.20
C GLY A 1 4.22 1.21 -22.37
N SER A 2 4.57 -0.01 -21.96
CA SER A 2 3.67 -0.96 -21.25
C SER A 2 3.71 -0.84 -19.72
N SER A 3 4.38 0.19 -19.18
CA SER A 3 4.50 0.46 -17.73
C SER A 3 3.20 0.97 -17.09
N GLY A 4 3.08 0.81 -15.76
CA GLY A 4 1.88 1.15 -14.98
C GLY A 4 0.72 0.16 -15.17
N SER A 5 -0.45 0.51 -14.61
CA SER A 5 -1.69 -0.29 -14.69
C SER A 5 -2.95 0.58 -14.65
N SER A 6 -4.09 0.02 -15.09
CA SER A 6 -5.39 0.71 -15.21
C SER A 6 -6.33 0.49 -14.01
N GLY A 7 -5.91 -0.28 -13.00
CA GLY A 7 -6.70 -0.61 -11.80
C GLY A 7 -6.87 0.58 -10.83
N ARG A 8 -7.83 0.45 -9.91
CA ARG A 8 -8.19 1.49 -8.91
C ARG A 8 -7.32 1.51 -7.64
N ALA A 9 -6.34 0.62 -7.55
CA ALA A 9 -5.45 0.49 -6.39
C ALA A 9 -4.43 1.63 -6.26
N MET A 10 -3.67 1.58 -5.15
CA MET A 10 -2.56 2.47 -4.83
C MET A 10 -1.26 1.68 -4.62
N LYS A 11 -0.10 2.34 -4.77
CA LYS A 11 1.24 1.76 -4.52
C LYS A 11 1.93 2.47 -3.34
N CYS A 12 2.57 1.70 -2.47
CA CYS A 12 3.17 2.14 -1.21
C CYS A 12 4.21 3.27 -1.42
N PRO A 13 4.24 4.30 -0.54
CA PRO A 13 5.20 5.39 -0.64
C PRO A 13 6.63 5.00 -0.22
N TYR A 14 6.86 3.77 0.24
CA TYR A 14 8.16 3.26 0.72
C TYR A 14 8.63 1.96 0.05
N CYS A 15 7.72 1.11 -0.45
CA CYS A 15 8.06 -0.17 -1.09
C CYS A 15 7.22 -0.48 -2.36
N ASP A 16 7.37 -1.70 -2.88
CA ASP A 16 6.73 -2.17 -4.11
C ASP A 16 5.24 -2.57 -3.94
N PHE A 17 4.76 -2.74 -2.71
CA PHE A 17 3.45 -3.33 -2.41
C PHE A 17 2.24 -2.42 -2.70
N TYR A 18 1.07 -3.02 -2.93
CA TYR A 18 -0.19 -2.34 -3.26
C TYR A 18 -1.31 -2.56 -2.22
N PHE A 19 -2.23 -1.59 -2.13
CA PHE A 19 -3.50 -1.72 -1.38
C PHE A 19 -4.71 -1.23 -2.21
N MET A 20 -5.88 -1.85 -1.96
CA MET A 20 -7.15 -1.55 -2.64
C MET A 20 -8.39 -1.53 -1.70
N LYS A 21 -8.20 -1.80 -0.40
CA LYS A 21 -9.22 -1.70 0.67
C LYS A 21 -8.60 -1.18 1.97
N ASN A 22 -9.42 -0.46 2.76
CA ASN A 22 -9.17 0.14 4.07
C ASN A 22 -7.91 1.05 4.19
N GLY A 23 -8.13 2.33 4.49
CA GLY A 23 -7.05 3.29 4.75
C GLY A 23 -6.16 2.97 5.95
N SER A 24 -6.69 2.34 7.02
CA SER A 24 -5.88 2.05 8.22
C SER A 24 -4.97 0.83 8.09
N ASP A 25 -5.23 -0.08 7.14
CA ASP A 25 -4.32 -1.17 6.77
C ASP A 25 -3.11 -0.64 5.97
N LEU A 26 -3.32 0.39 5.13
CA LEU A 26 -2.23 1.12 4.49
C LEU A 26 -1.46 1.98 5.51
N GLN A 27 -2.16 2.68 6.41
CA GLN A 27 -1.54 3.57 7.41
C GLN A 27 -0.60 2.79 8.35
N ARG A 28 -1.00 1.60 8.82
CA ARG A 28 -0.14 0.74 9.65
C ARG A 28 1.03 0.11 8.88
N HIS A 29 0.84 -0.18 7.59
CA HIS A 29 1.93 -0.63 6.69
C HIS A 29 2.97 0.48 6.45
N ILE A 30 2.55 1.74 6.35
CA ILE A 30 3.46 2.89 6.21
C ILE A 30 4.18 3.19 7.53
N TRP A 31 3.45 3.24 8.64
CA TRP A 31 4.02 3.35 10.00
C TRP A 31 5.07 2.27 10.30
N ALA A 32 4.97 1.11 9.67
CA ALA A 32 5.95 0.03 9.82
C ALA A 32 7.28 0.34 9.09
N HIS A 33 7.23 0.97 7.91
CA HIS A 33 8.43 1.48 7.22
C HIS A 33 9.09 2.65 7.98
N GLU A 34 8.27 3.50 8.62
CA GLU A 34 8.73 4.56 9.53
C GLU A 34 9.21 4.05 10.91
N GLY A 35 9.12 2.74 11.18
CA GLY A 35 9.64 2.09 12.40
C GLY A 35 8.85 2.41 13.68
N VAL A 36 7.57 2.76 13.56
CA VAL A 36 6.69 3.13 14.68
C VAL A 36 6.42 1.92 15.60
N LYS A 37 6.44 2.14 16.92
CA LYS A 37 6.19 1.15 17.98
C LYS A 37 5.13 1.65 18.97
ZN ZN B . 5.33 -0.63 1.86
N GLY A 1 -0.37 -8.68 -23.94
CA GLY A 1 -0.09 -7.32 -24.45
C GLY A 1 0.25 -6.35 -23.34
N SER A 2 -0.14 -5.09 -23.49
CA SER A 2 0.10 -4.02 -22.50
C SER A 2 -0.64 -4.23 -21.18
N SER A 3 -0.10 -3.69 -20.08
CA SER A 3 -0.70 -3.76 -18.74
C SER A 3 -1.91 -2.83 -18.56
N GLY A 4 -2.84 -3.22 -17.68
CA GLY A 4 -4.05 -2.44 -17.34
C GLY A 4 -3.81 -1.38 -16.26
N SER A 5 -4.87 -0.61 -15.95
CA SER A 5 -4.89 0.39 -14.87
C SER A 5 -4.90 -0.26 -13.48
N SER A 6 -4.37 0.44 -12.47
CA SER A 6 -4.47 0.08 -11.05
C SER A 6 -5.86 0.33 -10.45
N GLY A 7 -6.71 1.11 -11.13
CA GLY A 7 -8.11 1.34 -10.73
C GLY A 7 -8.24 1.98 -9.33
N ARG A 8 -8.86 1.24 -8.40
CA ARG A 8 -9.12 1.67 -7.01
C ARG A 8 -7.93 1.48 -6.06
N ALA A 9 -6.89 0.79 -6.49
CA ALA A 9 -5.69 0.55 -5.70
C ALA A 9 -4.76 1.78 -5.60
N MET A 10 -3.74 1.63 -4.76
CA MET A 10 -2.60 2.53 -4.63
C MET A 10 -1.28 1.74 -4.56
N LYS A 11 -0.14 2.42 -4.65
CA LYS A 11 1.20 1.86 -4.40
C LYS A 11 1.84 2.47 -3.15
N CYS A 12 2.52 1.64 -2.34
CA CYS A 12 3.16 2.05 -1.09
C CYS A 12 4.21 3.16 -1.33
N PRO A 13 4.28 4.19 -0.46
CA PRO A 13 5.25 5.27 -0.58
C PRO A 13 6.69 4.87 -0.23
N TYR A 14 6.94 3.62 0.21
CA TYR A 14 8.27 3.13 0.61
C TYR A 14 8.71 1.83 -0.09
N CYS A 15 7.79 0.98 -0.54
CA CYS A 15 8.10 -0.29 -1.22
C CYS A 15 7.24 -0.57 -2.47
N ASP A 16 7.47 -1.72 -3.11
CA ASP A 16 6.83 -2.12 -4.37
C ASP A 16 5.40 -2.65 -4.22
N PHE A 17 4.87 -2.74 -2.99
CA PHE A 17 3.60 -3.39 -2.67
C PHE A 17 2.36 -2.50 -2.87
N TYR A 18 1.20 -3.14 -3.14
CA TYR A 18 -0.09 -2.49 -3.39
C TYR A 18 -1.17 -2.87 -2.36
N PHE A 19 -2.09 -1.95 -2.08
CA PHE A 19 -3.32 -2.17 -1.31
C PHE A 19 -4.51 -1.49 -2.01
N MET A 20 -5.73 -1.86 -1.61
CA MET A 20 -7.00 -1.35 -2.15
C MET A 20 -8.05 -1.25 -1.03
N LYS A 21 -8.81 -0.14 -0.99
CA LYS A 21 -9.85 0.29 -0.02
C LYS A 21 -9.53 0.28 1.48
N ASN A 22 -8.66 -0.58 1.98
CA ASN A 22 -8.31 -0.73 3.40
C ASN A 22 -7.26 0.30 3.87
N GLY A 23 -7.59 1.60 3.78
CA GLY A 23 -6.71 2.71 4.19
C GLY A 23 -6.28 2.63 5.66
N SER A 24 -7.16 2.14 6.53
CA SER A 24 -6.89 1.93 7.97
C SER A 24 -5.82 0.84 8.23
N ASP A 25 -5.57 -0.05 7.27
CA ASP A 25 -4.47 -1.04 7.29
C ASP A 25 -3.21 -0.54 6.56
N LEU A 26 -3.37 0.25 5.49
CA LEU A 26 -2.27 0.91 4.78
C LEU A 26 -1.48 1.86 5.71
N GLN A 27 -2.17 2.58 6.60
CA GLN A 27 -1.50 3.42 7.60
C GLN A 27 -0.53 2.60 8.48
N ARG A 28 -0.92 1.38 8.88
CA ARG A 28 -0.07 0.46 9.67
C ARG A 28 1.16 0.01 8.88
N HIS A 29 0.97 -0.36 7.61
CA HIS A 29 2.05 -0.73 6.70
C HIS A 29 3.06 0.41 6.47
N ILE A 30 2.59 1.66 6.40
CA ILE A 30 3.43 2.85 6.25
C ILE A 30 4.16 3.20 7.54
N TRP A 31 3.43 3.27 8.66
CA TRP A 31 4.02 3.48 9.99
C TRP A 31 5.09 2.44 10.34
N ALA A 32 4.99 1.23 9.78
CA ALA A 32 6.01 0.18 9.91
C ALA A 32 7.31 0.50 9.14
N HIS A 33 7.21 1.07 7.93
CA HIS A 33 8.38 1.59 7.19
C HIS A 33 9.02 2.80 7.90
N GLU A 34 8.21 3.65 8.55
CA GLU A 34 8.68 4.73 9.43
C GLU A 34 9.24 4.26 10.79
N GLY A 35 9.19 2.96 11.09
CA GLY A 35 9.76 2.34 12.30
C GLY A 35 8.97 2.60 13.59
N VAL A 36 7.67 2.93 13.49
CA VAL A 36 6.78 3.21 14.64
C VAL A 36 6.49 1.92 15.42
N LYS A 37 6.50 2.02 16.76
CA LYS A 37 6.18 0.94 17.71
C LYS A 37 5.50 1.45 18.99
ZN ZN B . 5.43 -0.77 1.85
N GLY A 1 0.01 -12.10 -24.58
CA GLY A 1 -0.58 -10.90 -25.22
C GLY A 1 -0.69 -9.73 -24.24
N SER A 2 -0.79 -8.52 -24.77
CA SER A 2 -0.95 -7.27 -23.99
C SER A 2 -2.38 -7.08 -23.45
N SER A 3 -2.53 -6.22 -22.43
CA SER A 3 -3.81 -5.87 -21.79
C SER A 3 -3.78 -4.42 -21.25
N GLY A 4 -4.96 -3.87 -20.92
CA GLY A 4 -5.12 -2.51 -20.39
C GLY A 4 -4.53 -2.31 -18.98
N SER A 5 -4.18 -1.05 -18.66
CA SER A 5 -3.53 -0.65 -17.39
C SER A 5 -4.52 -0.30 -16.27
N SER A 6 -5.82 -0.29 -16.54
CA SER A 6 -6.89 0.08 -15.59
C SER A 6 -6.98 -0.86 -14.38
N GLY A 7 -7.34 -0.31 -13.21
CA GLY A 7 -7.50 -1.06 -11.95
C GLY A 7 -7.92 -0.16 -10.77
N ARG A 8 -8.19 -0.79 -9.61
CA ARG A 8 -8.67 -0.14 -8.38
C ARG A 8 -7.64 -0.08 -7.24
N ALA A 9 -6.41 -0.51 -7.50
CA ALA A 9 -5.36 -0.68 -6.49
C ALA A 9 -4.69 0.63 -6.04
N MET A 10 -4.04 0.53 -4.89
CA MET A 10 -3.26 1.56 -4.20
C MET A 10 -1.78 1.11 -4.15
N LYS A 11 -0.81 2.02 -4.35
CA LYS A 11 0.64 1.74 -4.25
C LYS A 11 1.28 2.44 -3.03
N CYS A 12 2.04 1.68 -2.22
CA CYS A 12 2.67 2.14 -0.98
C CYS A 12 3.56 3.40 -1.19
N PRO A 13 3.54 4.38 -0.25
CA PRO A 13 4.34 5.60 -0.37
C PRO A 13 5.83 5.40 -0.08
N TYR A 14 6.27 4.20 0.30
CA TYR A 14 7.68 3.88 0.63
C TYR A 14 8.27 2.71 -0.19
N CYS A 15 7.45 1.74 -0.61
CA CYS A 15 7.89 0.56 -1.38
C CYS A 15 7.01 0.24 -2.60
N ASP A 16 7.35 -0.84 -3.31
CA ASP A 16 6.69 -1.25 -4.56
C ASP A 16 5.32 -1.92 -4.36
N PHE A 17 5.01 -2.37 -3.14
CA PHE A 17 3.85 -3.23 -2.83
C PHE A 17 2.47 -2.54 -2.94
N TYR A 18 1.45 -3.34 -3.27
CA TYR A 18 0.07 -2.92 -3.50
C TYR A 18 -0.93 -3.32 -2.41
N PHE A 19 -2.00 -2.52 -2.29
CA PHE A 19 -3.19 -2.79 -1.47
C PHE A 19 -4.49 -2.52 -2.24
N MET A 20 -5.56 -3.23 -1.89
CA MET A 20 -6.92 -2.91 -2.34
C MET A 20 -7.55 -1.79 -1.48
N LYS A 21 -7.15 -1.74 -0.19
CA LYS A 21 -7.61 -0.78 0.82
C LYS A 21 -6.78 0.50 0.86
N ASN A 22 -7.35 1.51 1.52
CA ASN A 22 -6.72 2.77 1.91
C ASN A 22 -7.10 3.10 3.38
N GLY A 23 -6.45 4.09 4.00
CA GLY A 23 -6.72 4.48 5.40
C GLY A 23 -6.10 3.52 6.42
N SER A 24 -6.83 3.24 7.51
CA SER A 24 -6.33 2.55 8.72
C SER A 24 -5.57 1.23 8.47
N ASP A 25 -6.03 0.36 7.57
CA ASP A 25 -5.36 -0.93 7.30
C ASP A 25 -4.07 -0.79 6.47
N LEU A 26 -4.00 0.21 5.61
CA LEU A 26 -2.76 0.60 4.91
C LEU A 26 -1.80 1.31 5.87
N GLN A 27 -2.31 2.09 6.82
CA GLN A 27 -1.51 2.83 7.79
C GLN A 27 -0.63 1.91 8.65
N ARG A 28 -1.06 0.65 8.91
CA ARG A 28 -0.27 -0.41 9.57
C ARG A 28 1.05 -0.68 8.84
N HIS A 29 0.99 -0.80 7.51
CA HIS A 29 2.14 -1.05 6.64
C HIS A 29 3.03 0.19 6.47
N ILE A 30 2.45 1.39 6.49
CA ILE A 30 3.20 2.65 6.40
C ILE A 30 3.97 2.93 7.70
N TRP A 31 3.31 2.80 8.84
CA TRP A 31 3.93 2.88 10.17
C TRP A 31 5.13 1.93 10.33
N ALA A 32 5.14 0.81 9.61
CA ALA A 32 6.26 -0.13 9.59
C ALA A 32 7.50 0.42 8.84
N HIS A 33 7.30 1.16 7.74
CA HIS A 33 8.36 1.89 7.05
C HIS A 33 8.86 3.10 7.86
N GLU A 34 7.98 3.76 8.62
CA GLU A 34 8.33 4.79 9.62
C GLU A 34 9.03 4.23 10.88
N GLY A 35 9.17 2.90 11.00
CA GLY A 35 9.91 2.22 12.08
C GLY A 35 9.15 2.13 13.42
N VAL A 36 7.82 2.28 13.43
CA VAL A 36 6.98 2.17 14.63
C VAL A 36 6.93 0.72 15.12
N LYS A 37 7.06 0.52 16.44
CA LYS A 37 7.04 -0.79 17.13
C LYS A 37 6.22 -0.72 18.42
ZN ZN B . 5.44 -0.46 1.72
N GLY A 1 -3.83 -12.31 -26.62
CA GLY A 1 -4.11 -10.87 -26.46
C GLY A 1 -4.19 -10.46 -25.00
N SER A 2 -4.25 -9.15 -24.74
CA SER A 2 -4.31 -8.57 -23.39
C SER A 2 -5.62 -8.87 -22.65
N SER A 3 -5.57 -8.96 -21.32
CA SER A 3 -6.71 -9.27 -20.46
C SER A 3 -7.77 -8.16 -20.45
N GLY A 4 -9.06 -8.54 -20.40
CA GLY A 4 -10.20 -7.61 -20.39
C GLY A 4 -10.57 -7.02 -19.01
N SER A 5 -9.86 -7.42 -17.94
CA SER A 5 -10.14 -7.03 -16.55
C SER A 5 -9.89 -5.54 -16.27
N SER A 6 -10.69 -4.98 -15.34
CA SER A 6 -10.62 -3.58 -14.89
C SER A 6 -10.76 -3.46 -13.37
N GLY A 7 -10.17 -2.41 -12.77
CA GLY A 7 -10.20 -2.14 -11.33
C GLY A 7 -9.36 -0.91 -10.93
N ARG A 8 -9.26 -0.65 -9.62
CA ARG A 8 -8.42 0.41 -9.02
C ARG A 8 -7.76 -0.07 -7.73
N ALA A 9 -6.54 0.43 -7.48
CA ALA A 9 -5.75 0.19 -6.26
C ALA A 9 -4.79 1.35 -5.99
N MET A 10 -4.07 1.26 -4.86
CA MET A 10 -3.00 2.18 -4.45
C MET A 10 -1.66 1.43 -4.34
N LYS A 11 -0.53 2.15 -4.45
CA LYS A 11 0.82 1.63 -4.22
C LYS A 11 1.51 2.33 -3.03
N CYS A 12 2.23 1.55 -2.22
CA CYS A 12 2.86 2.01 -0.99
C CYS A 12 3.84 3.19 -1.24
N PRO A 13 3.82 4.22 -0.37
CA PRO A 13 4.71 5.38 -0.48
C PRO A 13 6.19 5.07 -0.19
N TYR A 14 6.53 3.82 0.21
CA TYR A 14 7.89 3.40 0.55
C TYR A 14 8.38 2.13 -0.18
N CYS A 15 7.50 1.21 -0.56
CA CYS A 15 7.87 -0.07 -1.20
C CYS A 15 6.98 -0.47 -2.40
N ASP A 16 7.20 -1.68 -2.92
CA ASP A 16 6.57 -2.20 -4.14
C ASP A 16 5.15 -2.78 -3.94
N PHE A 17 4.66 -2.87 -2.70
CA PHE A 17 3.38 -3.51 -2.37
C PHE A 17 2.14 -2.61 -2.66
N TYR A 18 1.03 -3.28 -2.97
CA TYR A 18 -0.28 -2.67 -3.28
C TYR A 18 -1.37 -3.02 -2.25
N PHE A 19 -2.34 -2.12 -2.09
CA PHE A 19 -3.59 -2.34 -1.34
C PHE A 19 -4.78 -1.79 -2.16
N MET A 20 -5.96 -2.40 -2.04
CA MET A 20 -7.19 -1.82 -2.59
C MET A 20 -7.77 -0.80 -1.61
N LYS A 21 -8.01 0.43 -2.09
CA LYS A 21 -8.41 1.62 -1.31
C LYS A 21 -7.45 1.95 -0.15
N ASN A 22 -7.76 3.01 0.62
CA ASN A 22 -7.09 3.33 1.89
C ASN A 22 -7.72 2.52 3.05
N GLY A 23 -6.99 2.30 4.13
CA GLY A 23 -7.47 1.56 5.31
C GLY A 23 -6.47 1.47 6.46
N SER A 24 -6.93 0.95 7.60
CA SER A 24 -6.12 0.83 8.83
C SER A 24 -4.90 -0.09 8.66
N ASP A 25 -5.01 -1.18 7.91
CA ASP A 25 -3.89 -2.10 7.70
C ASP A 25 -2.80 -1.52 6.78
N LEU A 26 -3.17 -0.62 5.86
CA LEU A 26 -2.21 0.18 5.09
C LEU A 26 -1.53 1.21 6.00
N GLN A 27 -2.27 1.84 6.92
CA GLN A 27 -1.70 2.77 7.90
C GLN A 27 -0.65 2.08 8.80
N ARG A 28 -0.90 0.83 9.25
CA ARG A 28 0.10 -0.02 9.94
C ARG A 28 1.33 -0.27 9.07
N HIS A 29 1.10 -0.71 7.82
CA HIS A 29 2.16 -1.01 6.85
C HIS A 29 3.06 0.22 6.56
N ILE A 30 2.48 1.42 6.51
CA ILE A 30 3.22 2.67 6.32
C ILE A 30 3.97 3.08 7.59
N TRP A 31 3.30 3.10 8.73
CA TRP A 31 3.94 3.35 10.04
C TRP A 31 5.16 2.44 10.29
N ALA A 32 5.13 1.21 9.77
CA ALA A 32 6.25 0.27 9.85
C ALA A 32 7.49 0.74 9.03
N HIS A 33 7.29 1.37 7.87
CA HIS A 33 8.36 2.01 7.11
C HIS A 33 8.86 3.31 7.78
N GLU A 34 7.99 4.02 8.51
CA GLU A 34 8.37 5.20 9.32
C GLU A 34 9.11 4.87 10.63
N GLY A 35 9.27 3.57 10.96
CA GLY A 35 9.99 3.12 12.16
C GLY A 35 9.23 3.35 13.46
N VAL A 36 7.90 3.19 13.43
CA VAL A 36 6.99 3.35 14.59
C VAL A 36 7.41 2.50 15.81
N LYS A 37 7.16 3.04 17.02
CA LYS A 37 7.50 2.44 18.33
C LYS A 37 6.29 2.32 19.25
ZN ZN B . 5.32 -0.63 1.96
#